data_8QZ7
#
_entry.id   8QZ7
#
_cell.length_a   1.00
_cell.length_b   1.00
_cell.length_c   1.00
_cell.angle_alpha   90.00
_cell.angle_beta   90.00
_cell.angle_gamma   90.00
#
_symmetry.space_group_name_H-M   'P 1'
#
loop_
_entity.id
_entity.type
_entity.pdbx_description
1 polymer 'Isoform 2 of Ceramide synthase 6'
2 polymer Nanobody-22
3 non-polymer '(2~{R})-2-[2-[(5~{R},6~{R},7~{S},9~{S},11~{R},16~{R},18~{S},19~{S})-6-[(3~{R})-3-carboxy-5-oxidanyl-5-oxidanylidene-pentanoyl]oxy-19-(hexadecanoylamino)-5,9-dimethyl-11,16,18-tris(oxidanyl)icosan-7-yl]oxy-2-oxidanylidene-ethyl]butanedioic acid'
4 non-polymer 1,2-DIACYL-SN-GLYCERO-3-PHOSPHOCHOLINE
5 non-polymer 2-acetamido-2-deoxy-beta-D-glucopyranose
#
loop_
_entity_poly.entity_id
_entity_poly.type
_entity_poly.pdbx_seq_one_letter_code
_entity_poly.pdbx_strand_id
1 'polypeptide(L)'
;MAGILAWFWNERFWLPHNVTWADLKNTEEATFPQAEDLYLAFPLAFCIFMVRLIFERFVAKPCAIALNIQANGPQIAPPN
AILEKVFTAITKHPDEKRLEGLSKQLDWDVRSIQRWFRQRRNQEKPSTLTRFCESMWRFSFYLYVFTYGVRFLKKTPWLW
NTRHCWYNYPYQPLTTDLHYYYILELSFYWSLMFSQFTDIKRKDFGIMFLHHLVSIFLITFSYVNNMARVGTLVLCLHDS
ADALLEAAKMANYAKFQKMCDLLFVMFAVVFITTRLGIFPLWVLNTTLFESWEIVGPYPSWWVFNLLLLLVQGLNCFWSY
LIVKIACKAVSRGKAGKWNPLHVSKDDRSDAENLYFQ
;
A,C
2 'polypeptide(L)'
;QVQLVESGGGLVQAEGSLRLSCAASGRTFRTYGMGWFRQAPGKEREFVAALNWSGSSTYYADSVKGRFTISRDNAKNTAY
LQMNSLKPEDTAVYYCAALRRKAEYGSRSIADFDSWSKGTPVTVSSHHHHHHEPEA
;
B,D
#
# COMPACT_ATOMS: atom_id res chain seq x y z
N ALA A 2 -7.57 1.16 17.77
CA ALA A 2 -6.14 1.13 18.06
C ALA A 2 -5.85 0.18 19.22
N GLY A 3 -6.86 -0.04 20.07
CA GLY A 3 -6.69 -0.99 21.16
C GLY A 3 -6.57 -2.42 20.66
N ILE A 4 -7.37 -2.80 19.67
CA ILE A 4 -7.32 -4.16 19.15
C ILE A 4 -6.00 -4.41 18.42
N LEU A 5 -5.51 -3.42 17.69
CA LEU A 5 -4.21 -3.57 17.03
C LEU A 5 -3.08 -3.71 18.05
N ALA A 6 -3.13 -2.90 19.12
CA ALA A 6 -2.12 -3.02 20.16
C ALA A 6 -2.21 -4.35 20.90
N TRP A 7 -3.40 -4.92 21.03
CA TRP A 7 -3.55 -6.25 21.61
C TRP A 7 -2.99 -7.33 20.68
N PHE A 8 -3.22 -7.18 19.37
CA PHE A 8 -2.75 -8.19 18.42
C PHE A 8 -1.22 -8.20 18.34
N TRP A 9 -0.60 -7.03 18.29
CA TRP A 9 0.85 -6.93 18.18
C TRP A 9 1.53 -6.90 19.55
N ASN A 10 1.23 -7.89 20.38
CA ASN A 10 1.85 -7.95 21.69
C ASN A 10 3.34 -8.27 21.56
N GLU A 11 4.17 -7.45 22.20
CA GLU A 11 5.61 -7.61 22.06
C GLU A 11 6.15 -8.81 22.83
N ARG A 12 5.43 -9.28 23.84
CA ARG A 12 5.84 -10.46 24.58
C ARG A 12 5.46 -11.75 23.88
N PHE A 13 4.69 -11.67 22.79
CA PHE A 13 4.27 -12.82 22.01
C PHE A 13 5.17 -13.08 20.82
N TRP A 14 5.46 -12.04 20.02
CA TRP A 14 6.22 -12.22 18.79
C TRP A 14 7.72 -12.27 19.08
N LEU A 15 8.27 -11.20 19.60
CA LEU A 15 9.70 -11.08 19.80
C LEU A 15 10.16 -11.94 20.97
N PRO A 16 11.46 -12.29 21.01
CA PRO A 16 11.99 -13.04 22.17
C PRO A 16 11.91 -12.25 23.46
N HIS A 17 12.36 -12.84 24.57
CA HIS A 17 12.26 -12.17 25.86
C HIS A 17 13.15 -10.93 25.90
N ASN A 18 12.65 -9.89 26.58
CA ASN A 18 13.32 -8.61 26.81
C ASN A 18 13.58 -7.83 25.52
N VAL A 19 12.91 -8.17 24.43
CA VAL A 19 13.03 -7.43 23.18
C VAL A 19 11.69 -6.75 22.89
N THR A 20 11.74 -5.45 22.62
CA THR A 20 10.54 -4.66 22.36
C THR A 20 10.59 -4.09 20.95
N TRP A 21 9.42 -3.71 20.44
CA TRP A 21 9.35 -3.12 19.10
C TRP A 21 10.13 -1.82 19.02
N ALA A 22 10.21 -1.08 20.13
CA ALA A 22 10.93 0.19 20.16
C ALA A 22 12.41 0.03 19.84
N ASP A 23 12.97 -1.16 20.07
CA ASP A 23 14.36 -1.42 19.73
C ASP A 23 14.57 -1.70 18.25
N LEU A 24 13.50 -1.95 17.49
CA LEU A 24 13.61 -2.27 16.08
C LEU A 24 13.22 -1.10 15.18
N LYS A 25 13.08 0.09 15.74
CA LYS A 25 12.75 1.27 14.94
C LYS A 25 13.94 1.68 14.07
N ASN A 26 13.63 2.23 12.90
CA ASN A 26 14.67 2.65 11.98
C ASN A 26 15.40 3.87 12.52
N THR A 27 16.74 3.80 12.51
CA THR A 27 17.56 4.93 12.88
C THR A 27 18.61 5.17 11.80
N GLU A 28 19.59 6.04 12.08
CA GLU A 28 20.68 6.26 11.14
C GLU A 28 21.74 5.16 11.20
N GLU A 29 21.70 4.32 12.24
CA GLU A 29 22.70 3.26 12.35
C GLU A 29 22.36 2.06 11.47
N ALA A 30 21.10 1.63 11.49
CA ALA A 30 20.67 0.51 10.68
C ALA A 30 19.18 0.58 10.46
N THR A 31 18.71 -0.12 9.42
CA THR A 31 17.31 -0.17 9.07
C THR A 31 16.79 -1.59 9.28
N PHE A 32 15.56 -1.70 9.75
CA PHE A 32 14.93 -2.98 10.04
C PHE A 32 13.62 -3.09 9.28
N PRO A 33 13.17 -4.30 8.97
CA PRO A 33 11.90 -4.45 8.23
C PRO A 33 10.74 -3.91 9.03
N GLN A 34 9.83 -3.23 8.33
CA GLN A 34 8.65 -2.64 8.93
C GLN A 34 7.40 -3.12 8.21
N ALA A 35 6.30 -3.21 8.96
CA ALA A 35 5.06 -3.70 8.39
C ALA A 35 4.56 -2.80 7.26
N GLU A 36 4.74 -1.48 7.41
CA GLU A 36 4.29 -0.54 6.39
CA GLU A 36 4.29 -0.54 6.39
C GLU A 36 4.91 -0.81 5.03
N ASP A 37 6.16 -1.30 4.99
CA ASP A 37 6.81 -1.62 3.73
C ASP A 37 6.06 -2.68 2.95
N LEU A 38 5.21 -3.46 3.59
CA LEU A 38 4.40 -4.45 2.90
C LEU A 38 3.23 -3.84 2.14
N TYR A 39 2.80 -2.62 2.50
CA TYR A 39 1.72 -1.98 1.76
C TYR A 39 2.09 -1.79 0.30
N LEU A 40 3.35 -1.48 0.02
CA LEU A 40 3.84 -1.33 -1.34
C LEU A 40 3.64 -2.59 -2.17
N ALA A 41 3.49 -3.76 -1.54
CA ALA A 41 3.23 -4.98 -2.27
C ALA A 41 1.88 -4.97 -2.98
N PHE A 42 0.94 -4.12 -2.53
CA PHE A 42 -0.39 -4.13 -3.11
C PHE A 42 -0.49 -3.37 -4.43
N PRO A 43 0.05 -2.14 -4.55
CA PRO A 43 0.06 -1.51 -5.88
C PRO A 43 0.88 -2.28 -6.90
N LEU A 44 2.10 -2.66 -6.56
CA LEU A 44 2.94 -3.40 -7.49
C LEU A 44 2.25 -4.66 -7.98
N ALA A 45 1.59 -5.40 -7.07
CA ALA A 45 0.83 -6.57 -7.48
C ALA A 45 -0.13 -6.23 -8.61
N PHE A 46 -0.92 -5.16 -8.43
CA PHE A 46 -1.82 -4.74 -9.50
C PHE A 46 -1.05 -4.46 -10.78
N CYS A 47 0.08 -3.74 -10.67
CA CYS A 47 0.91 -3.50 -11.84
C CYS A 47 1.32 -4.82 -12.48
N ILE A 48 1.76 -5.78 -11.66
CA ILE A 48 2.11 -7.09 -12.20
C ILE A 48 0.94 -7.67 -12.97
N PHE A 49 -0.25 -7.61 -12.39
CA PHE A 49 -1.43 -8.11 -13.08
C PHE A 49 -1.58 -7.44 -14.44
N MET A 50 -1.44 -6.11 -14.47
CA MET A 50 -1.52 -5.41 -15.75
C MET A 50 -0.52 -5.99 -16.75
N VAL A 51 0.74 -6.12 -16.32
CA VAL A 51 1.75 -6.66 -17.23
C VAL A 51 1.35 -8.04 -17.71
N ARG A 52 0.78 -8.86 -16.81
CA ARG A 52 0.36 -10.20 -17.22
C ARG A 52 -0.56 -10.14 -18.42
N LEU A 53 -1.54 -9.22 -18.40
CA LEU A 53 -2.46 -9.10 -19.52
C LEU A 53 -1.70 -8.83 -20.81
N ILE A 54 -0.75 -7.90 -20.77
CA ILE A 54 0.06 -7.63 -21.95
C ILE A 54 0.78 -8.89 -22.40
N PHE A 55 1.34 -9.64 -21.45
CA PHE A 55 2.05 -10.86 -21.80
C PHE A 55 1.10 -11.88 -22.43
N GLU A 56 -0.17 -11.86 -22.02
CA GLU A 56 -1.13 -12.79 -22.61
C GLU A 56 -1.72 -12.23 -23.89
N ARG A 57 -1.46 -10.96 -24.20
CA ARG A 57 -2.06 -10.36 -25.37
C ARG A 57 -1.11 -10.33 -26.56
N PHE A 58 0.12 -9.86 -26.36
CA PHE A 58 1.02 -9.58 -27.47
C PHE A 58 2.21 -10.51 -27.58
N VAL A 59 2.47 -11.36 -26.57
CA VAL A 59 3.65 -12.21 -26.54
C VAL A 59 3.27 -13.69 -26.55
N ALA A 60 2.50 -14.13 -25.56
CA ALA A 60 2.18 -15.55 -25.45
C ALA A 60 1.21 -15.99 -26.54
N LYS A 61 0.22 -15.14 -26.85
CA LYS A 61 -0.79 -15.52 -27.85
C LYS A 61 -0.20 -15.75 -29.24
N PRO A 62 0.64 -14.87 -29.80
CA PRO A 62 1.24 -15.20 -31.11
C PRO A 62 2.10 -16.44 -31.08
N CYS A 63 2.81 -16.70 -29.98
CA CYS A 63 3.59 -17.92 -29.88
C CYS A 63 2.69 -19.16 -29.87
N ALA A 64 1.57 -19.09 -29.16
CA ALA A 64 0.63 -20.20 -29.17
C ALA A 64 0.02 -20.41 -30.55
N ILE A 65 -0.31 -19.32 -31.25
CA ILE A 65 -0.88 -19.43 -32.59
C ILE A 65 0.14 -20.05 -33.54
N ALA A 66 1.40 -19.61 -33.48
CA ALA A 66 2.44 -20.19 -34.32
C ALA A 66 2.76 -21.63 -33.95
N LEU A 67 2.30 -22.09 -32.80
CA LEU A 67 2.51 -23.46 -32.35
C LEU A 67 1.36 -24.38 -32.73
N ASN A 68 0.43 -23.90 -33.56
CA ASN A 68 -0.74 -24.67 -33.99
C ASN A 68 -1.61 -25.09 -32.80
N ILE A 69 -1.77 -24.21 -31.83
CA ILE A 69 -2.71 -24.44 -30.73
C ILE A 69 -4.06 -23.87 -31.12
N GLN A 70 -5.10 -24.69 -31.02
CA GLN A 70 -6.43 -24.26 -31.41
C GLN A 70 -6.95 -23.19 -30.46
N ALA A 71 -7.41 -22.07 -31.02
CA ALA A 71 -7.88 -20.96 -30.22
C ALA A 71 -9.35 -21.10 -29.81
N ASN A 72 -10.06 -22.08 -30.36
CA ASN A 72 -11.46 -22.28 -30.01
C ASN A 72 -11.58 -23.08 -28.72
N GLY A 73 -12.81 -23.35 -28.31
CA GLY A 73 -13.06 -24.11 -27.10
C GLY A 73 -12.88 -25.59 -27.32
N PRO A 74 -12.97 -26.35 -26.23
CA PRO A 74 -12.83 -27.80 -26.32
C PRO A 74 -13.98 -28.42 -27.09
N GLN A 75 -13.72 -29.60 -27.65
CA GLN A 75 -14.73 -30.33 -28.41
C GLN A 75 -15.90 -30.69 -27.51
N ILE A 76 -17.11 -30.55 -28.06
CA ILE A 76 -18.33 -30.78 -27.29
C ILE A 76 -18.56 -32.28 -27.14
N ALA A 77 -18.79 -32.71 -25.90
CA ALA A 77 -19.10 -34.11 -25.65
C ALA A 77 -20.46 -34.47 -26.23
N PRO A 78 -20.63 -35.71 -26.70
CA PRO A 78 -21.92 -36.12 -27.25
C PRO A 78 -23.02 -36.05 -26.20
N PRO A 79 -24.23 -35.66 -26.60
CA PRO A 79 -25.32 -35.53 -25.62
C PRO A 79 -25.72 -36.89 -25.04
N ASN A 80 -26.01 -36.90 -23.75
CA ASN A 80 -26.47 -38.10 -23.06
C ASN A 80 -27.13 -37.67 -21.77
N ALA A 81 -28.44 -37.93 -21.64
CA ALA A 81 -29.17 -37.49 -20.46
C ALA A 81 -28.64 -38.17 -19.20
N ILE A 82 -28.42 -39.49 -19.26
CA ILE A 82 -27.93 -40.22 -18.09
C ILE A 82 -26.52 -39.76 -17.73
N LEU A 83 -25.65 -39.62 -18.72
CA LEU A 83 -24.28 -39.18 -18.45
C LEU A 83 -24.25 -37.76 -17.90
N GLU A 84 -25.07 -36.87 -18.47
CA GLU A 84 -25.13 -35.50 -17.97
C GLU A 84 -25.64 -35.46 -16.54
N LYS A 85 -26.68 -36.24 -16.24
CA LYS A 85 -27.21 -36.28 -14.87
C LYS A 85 -26.19 -36.81 -13.90
N VAL A 86 -25.45 -37.86 -14.28
CA VAL A 86 -24.41 -38.41 -13.42
C VAL A 86 -23.31 -37.38 -13.19
N PHE A 87 -22.89 -36.69 -14.25
CA PHE A 87 -21.82 -35.71 -14.13
C PHE A 87 -22.24 -34.54 -13.23
N THR A 88 -23.49 -34.08 -13.36
CA THR A 88 -23.93 -32.93 -12.58
C THR A 88 -24.22 -33.31 -11.13
N ALA A 89 -24.75 -34.51 -10.90
CA ALA A 89 -25.21 -34.91 -9.58
C ALA A 89 -24.29 -35.90 -8.88
N ILE A 90 -23.99 -37.03 -9.53
CA ILE A 90 -23.26 -38.12 -8.87
C ILE A 90 -21.83 -37.71 -8.59
N THR A 91 -21.06 -37.44 -9.63
CA THR A 91 -19.64 -37.10 -9.50
C THR A 91 -19.11 -36.64 -10.85
N LYS A 92 -17.93 -36.03 -10.82
CA LYS A 92 -17.23 -35.63 -12.03
C LYS A 92 -16.09 -36.58 -12.39
N HIS A 93 -15.62 -37.39 -11.45
CA HIS A 93 -14.57 -38.38 -11.69
C HIS A 93 -15.02 -39.73 -11.16
N PRO A 94 -15.85 -40.44 -11.92
CA PRO A 94 -16.37 -41.73 -11.43
C PRO A 94 -15.27 -42.76 -11.25
N ASP A 95 -15.48 -43.65 -10.29
CA ASP A 95 -14.53 -44.72 -10.00
C ASP A 95 -14.75 -45.89 -10.96
N GLU A 96 -13.99 -46.97 -10.74
CA GLU A 96 -14.10 -48.15 -11.58
C GLU A 96 -15.49 -48.79 -11.47
N LYS A 97 -16.01 -48.90 -10.25
CA LYS A 97 -17.34 -49.47 -10.06
C LYS A 97 -18.41 -48.61 -10.71
N ARG A 98 -18.33 -47.29 -10.54
CA ARG A 98 -19.30 -46.40 -11.16
C ARG A 98 -19.21 -46.46 -12.68
N LEU A 99 -17.99 -46.51 -13.22
CA LEU A 99 -17.82 -46.62 -14.66
C LEU A 99 -18.41 -47.92 -15.19
N GLU A 100 -18.18 -49.03 -14.48
CA GLU A 100 -18.75 -50.31 -14.89
C GLU A 100 -20.27 -50.28 -14.84
N GLY A 101 -20.83 -49.67 -13.80
CA GLY A 101 -22.28 -49.56 -13.71
C GLY A 101 -22.87 -48.73 -14.83
N LEU A 102 -22.24 -47.60 -15.14
CA LEU A 102 -22.72 -46.76 -16.24
C LEU A 102 -22.59 -47.50 -17.58
N SER A 103 -21.50 -48.23 -17.77
CA SER A 103 -21.32 -48.99 -19.00
C SER A 103 -22.40 -50.06 -19.15
N LYS A 104 -22.70 -50.76 -18.05
CA LYS A 104 -23.75 -51.77 -18.09
C LYS A 104 -25.12 -51.14 -18.36
N GLN A 105 -25.39 -49.98 -17.74
CA GLN A 105 -26.70 -49.34 -17.91
C GLN A 105 -26.88 -48.82 -19.33
N LEU A 106 -25.85 -48.20 -19.90
CA LEU A 106 -25.96 -47.60 -21.23
C LEU A 106 -25.50 -48.52 -22.35
N ASP A 107 -25.03 -49.73 -22.03
CA ASP A 107 -24.54 -50.68 -23.03
C ASP A 107 -23.46 -50.06 -23.91
N TRP A 108 -22.55 -49.33 -23.27
CA TRP A 108 -21.47 -48.64 -23.97
C TRP A 108 -20.13 -49.03 -23.34
N ASP A 109 -19.07 -48.88 -24.13
CA ASP A 109 -17.73 -49.22 -23.65
C ASP A 109 -17.29 -48.24 -22.56
N VAL A 110 -16.44 -48.74 -21.65
CA VAL A 110 -15.92 -47.90 -20.58
C VAL A 110 -15.05 -46.79 -21.15
N ARG A 111 -14.32 -47.08 -22.23
CA ARG A 111 -13.49 -46.06 -22.85
C ARG A 111 -14.31 -44.89 -23.37
N SER A 112 -15.48 -45.18 -23.94
CA SER A 112 -16.35 -44.10 -24.41
C SER A 112 -16.83 -43.24 -23.25
N ILE A 113 -17.19 -43.86 -22.13
CA ILE A 113 -17.62 -43.10 -20.96
C ILE A 113 -16.49 -42.23 -20.44
N GLN A 114 -15.28 -42.79 -20.37
CA GLN A 114 -14.13 -42.02 -19.90
C GLN A 114 -13.84 -40.84 -20.83
N ARG A 115 -13.93 -41.07 -22.15
CA ARG A 115 -13.73 -39.98 -23.10
C ARG A 115 -14.79 -38.90 -22.94
N TRP A 116 -16.04 -39.30 -22.73
CA TRP A 116 -17.11 -38.32 -22.53
C TRP A 116 -16.87 -37.50 -21.26
N PHE A 117 -16.46 -38.17 -20.17
CA PHE A 117 -16.17 -37.45 -18.93
C PHE A 117 -15.00 -36.49 -19.10
N ARG A 118 -13.95 -36.92 -19.81
CA ARG A 118 -12.81 -36.04 -20.06
C ARG A 118 -13.24 -34.84 -20.90
N GLN A 119 -14.08 -35.07 -21.91
CA GLN A 119 -14.55 -33.96 -22.73
C GLN A 119 -15.39 -32.99 -21.91
N ARG A 120 -16.25 -33.50 -21.03
CA ARG A 120 -17.05 -32.62 -20.18
C ARG A 120 -16.16 -31.81 -19.25
N ARG A 121 -15.15 -32.44 -18.66
CA ARG A 121 -14.23 -31.73 -17.77
C ARG A 121 -13.48 -30.65 -18.53
N ASN A 122 -13.04 -30.95 -19.76
CA ASN A 122 -12.37 -29.94 -20.58
C ASN A 122 -13.31 -28.79 -20.92
N GLN A 123 -14.58 -29.11 -21.21
CA GLN A 123 -15.55 -28.07 -21.50
C GLN A 123 -15.75 -27.14 -20.30
N GLU A 124 -15.82 -27.72 -19.10
CA GLU A 124 -15.91 -26.88 -17.90
C GLU A 124 -14.65 -26.05 -17.72
N LYS A 125 -13.48 -26.64 -17.98
CA LYS A 125 -12.22 -25.92 -17.85
C LYS A 125 -12.08 -24.88 -18.97
N PRO A 126 -11.27 -23.85 -18.75
CA PRO A 126 -11.06 -22.85 -19.81
C PRO A 126 -10.36 -23.45 -21.03
N SER A 127 -10.22 -22.61 -22.05
CA SER A 127 -9.64 -23.05 -23.31
C SER A 127 -8.15 -23.35 -23.15
N THR A 128 -7.63 -24.13 -24.08
CA THR A 128 -6.22 -24.56 -24.00
C THR A 128 -5.26 -23.38 -24.18
N LEU A 129 -5.58 -22.45 -25.08
CA LEU A 129 -4.65 -21.36 -25.37
C LEU A 129 -4.46 -20.45 -24.17
N THR A 130 -5.54 -20.15 -23.44
CA THR A 130 -5.42 -19.31 -22.26
C THR A 130 -4.57 -19.99 -21.19
N ARG A 131 -4.77 -21.30 -20.99
CA ARG A 131 -3.96 -22.03 -20.04
C ARG A 131 -2.49 -22.05 -20.47
N PHE A 132 -2.24 -22.18 -21.77
CA PHE A 132 -0.86 -22.12 -22.26
C PHE A 132 -0.23 -20.77 -21.97
N CYS A 133 -0.97 -19.68 -22.20
CA CYS A 133 -0.43 -18.35 -21.92
C CYS A 133 -0.16 -18.17 -20.43
N GLU A 134 -1.08 -18.62 -19.58
CA GLU A 134 -0.89 -18.50 -18.14
C GLU A 134 0.33 -19.31 -17.68
N SER A 135 0.49 -20.52 -18.22
CA SER A 135 1.65 -21.33 -17.89
C SER A 135 2.95 -20.68 -18.36
N MET A 136 2.93 -20.06 -19.53
CA MET A 136 4.12 -19.37 -20.01
C MET A 136 4.49 -18.21 -19.09
N TRP A 137 3.50 -17.45 -18.65
CA TRP A 137 3.76 -16.35 -17.72
C TRP A 137 4.33 -16.86 -16.40
N ARG A 138 3.72 -17.92 -15.86
CA ARG A 138 4.22 -18.48 -14.59
C ARG A 138 5.63 -19.01 -14.75
N PHE A 139 5.92 -19.68 -15.87
CA PHE A 139 7.26 -20.19 -16.11
C PHE A 139 8.29 -19.07 -16.16
N SER A 140 7.98 -17.99 -16.88
CA SER A 140 8.92 -16.88 -16.96
C SER A 140 9.19 -16.28 -15.58
N PHE A 141 8.12 -16.03 -14.82
CA PHE A 141 8.32 -15.41 -13.51
C PHE A 141 9.09 -16.33 -12.57
N TYR A 142 8.76 -17.63 -12.55
CA TYR A 142 9.44 -18.55 -11.65
C TYR A 142 10.90 -18.71 -12.02
N LEU A 143 11.21 -18.76 -13.32
CA LEU A 143 12.61 -18.83 -13.74
C LEU A 143 13.38 -17.61 -13.27
N TYR A 144 12.81 -16.41 -13.47
CA TYR A 144 13.51 -15.20 -13.04
C TYR A 144 13.71 -15.19 -11.52
N VAL A 145 12.66 -15.57 -10.77
CA VAL A 145 12.76 -15.51 -9.31
C VAL A 145 13.78 -16.52 -8.79
N PHE A 146 13.78 -17.74 -9.34
CA PHE A 146 14.75 -18.73 -8.89
C PHE A 146 16.17 -18.29 -9.22
N THR A 147 16.39 -17.72 -10.41
CA THR A 147 17.72 -17.23 -10.75
C THR A 147 18.17 -16.12 -9.80
N TYR A 148 17.28 -15.17 -9.52
CA TYR A 148 17.63 -14.09 -8.60
C TYR A 148 17.92 -14.63 -7.20
N GLY A 149 17.11 -15.57 -6.74
CA GLY A 149 17.31 -16.13 -5.42
C GLY A 149 18.64 -16.86 -5.30
N VAL A 150 19.00 -17.64 -6.32
CA VAL A 150 20.29 -18.33 -6.30
C VAL A 150 21.43 -17.33 -6.31
N ARG A 151 21.34 -16.31 -7.16
CA ARG A 151 22.40 -15.31 -7.23
C ARG A 151 22.55 -14.57 -5.90
N PHE A 152 21.43 -14.26 -5.25
CA PHE A 152 21.48 -13.55 -3.97
C PHE A 152 22.01 -14.43 -2.84
N LEU A 153 21.56 -15.68 -2.76
CA LEU A 153 21.98 -16.56 -1.67
C LEU A 153 23.39 -17.09 -1.87
N LYS A 154 23.93 -16.99 -3.07
CA LYS A 154 25.30 -17.48 -3.30
C LYS A 154 26.32 -16.77 -2.42
N LYS A 155 26.08 -15.52 -2.04
CA LYS A 155 27.06 -14.73 -1.30
C LYS A 155 26.70 -14.55 0.17
N THR A 156 25.48 -14.87 0.58
CA THR A 156 25.07 -14.68 1.96
C THR A 156 25.80 -15.64 2.89
N PRO A 157 26.06 -15.23 4.13
CA PRO A 157 26.78 -16.11 5.05
C PRO A 157 25.93 -17.20 5.69
N TRP A 158 24.60 -17.05 5.71
CA TRP A 158 23.75 -18.01 6.39
C TRP A 158 23.30 -19.16 5.50
N LEU A 159 23.61 -19.14 4.21
CA LEU A 159 23.31 -20.29 3.37
C LEU A 159 24.16 -21.49 3.75
N TRP A 160 25.46 -21.28 3.91
CA TRP A 160 26.37 -22.38 4.22
C TRP A 160 26.28 -22.79 5.69
N ASN A 161 26.03 -21.84 6.59
CA ASN A 161 25.90 -22.12 8.02
C ASN A 161 24.58 -21.52 8.48
N THR A 162 23.55 -22.38 8.59
CA THR A 162 22.22 -21.90 8.93
C THR A 162 22.12 -21.31 10.32
N ARG A 163 23.07 -21.62 11.22
CA ARG A 163 23.06 -21.04 12.55
C ARG A 163 23.21 -19.52 12.53
N HIS A 164 23.69 -18.95 11.43
CA HIS A 164 23.76 -17.51 11.29
C HIS A 164 22.41 -16.87 11.08
N CYS A 165 21.35 -17.66 10.94
CA CYS A 165 20.02 -17.08 10.89
C CYS A 165 19.57 -16.59 12.26
N TRP A 166 20.13 -17.14 13.34
CA TRP A 166 19.62 -16.91 14.69
C TRP A 166 20.63 -16.29 15.64
N TYR A 167 21.89 -16.12 15.23
CA TYR A 167 22.91 -15.64 16.16
C TYR A 167 22.61 -14.23 16.65
N ASN A 168 22.28 -13.32 15.73
CA ASN A 168 22.00 -11.93 16.08
C ASN A 168 20.52 -11.58 15.97
N TYR A 169 19.66 -12.58 15.87
CA TYR A 169 18.22 -12.32 15.76
C TYR A 169 17.72 -11.66 17.05
N PRO A 170 16.88 -10.63 16.95
CA PRO A 170 16.31 -9.99 15.76
C PRO A 170 17.12 -8.81 15.24
N TYR A 171 18.27 -8.51 15.82
CA TYR A 171 19.02 -7.30 15.47
C TYR A 171 19.88 -7.54 14.23
N GLN A 172 19.20 -7.86 13.13
CA GLN A 172 19.83 -8.09 11.84
C GLN A 172 19.34 -7.04 10.86
N PRO A 173 20.21 -6.17 10.35
CA PRO A 173 19.74 -5.08 9.48
C PRO A 173 19.14 -5.60 8.19
N LEU A 174 18.22 -4.83 7.63
CA LEU A 174 17.58 -5.13 6.36
C LEU A 174 18.38 -4.51 5.23
N THR A 175 18.66 -5.31 4.20
CA THR A 175 19.36 -4.82 3.03
C THR A 175 18.39 -4.63 1.86
N THR A 176 18.91 -4.03 0.79
CA THR A 176 18.07 -3.80 -0.39
C THR A 176 17.65 -5.11 -1.05
N ASP A 177 18.56 -6.09 -1.07
CA ASP A 177 18.25 -7.36 -1.74
C ASP A 177 17.15 -8.12 -1.01
N LEU A 178 17.20 -8.17 0.32
CA LEU A 178 16.14 -8.84 1.08
C LEU A 178 14.80 -8.17 0.86
N HIS A 179 14.79 -6.83 0.91
CA HIS A 179 13.55 -6.09 0.71
C HIS A 179 12.98 -6.35 -0.69
N TYR A 180 13.83 -6.31 -1.71
CA TYR A 180 13.38 -6.55 -3.08
C TYR A 180 12.85 -7.97 -3.23
N TYR A 181 13.55 -8.96 -2.68
CA TYR A 181 13.12 -10.34 -2.79
C TYR A 181 11.75 -10.55 -2.15
N TYR A 182 11.59 -10.08 -0.91
CA TYR A 182 10.33 -10.26 -0.21
C TYR A 182 9.19 -9.52 -0.89
N ILE A 183 9.43 -8.28 -1.33
CA ILE A 183 8.38 -7.53 -1.99
C ILE A 183 7.97 -8.19 -3.30
N LEU A 184 8.94 -8.68 -4.08
CA LEU A 184 8.62 -9.34 -5.33
C LEU A 184 7.79 -10.60 -5.09
N GLU A 185 8.18 -11.43 -4.12
CA GLU A 185 7.43 -12.64 -3.85
C GLU A 185 6.01 -12.33 -3.39
N LEU A 186 5.86 -11.41 -2.45
CA LEU A 186 4.54 -11.08 -1.94
C LEU A 186 3.67 -10.46 -3.02
N SER A 187 4.27 -9.64 -3.90
CA SER A 187 3.53 -9.06 -5.00
C SER A 187 3.03 -10.13 -5.95
N PHE A 188 3.86 -11.13 -6.25
CA PHE A 188 3.40 -12.21 -7.11
C PHE A 188 2.25 -12.98 -6.49
N TYR A 189 2.34 -13.26 -5.19
CA TYR A 189 1.26 -14.01 -4.55
C TYR A 189 -0.04 -13.21 -4.50
N TRP A 190 0.07 -11.89 -4.27
CA TRP A 190 -1.14 -11.06 -4.32
C TRP A 190 -1.70 -10.96 -5.72
N SER A 191 -0.83 -10.97 -6.75
CA SER A 191 -1.31 -11.02 -8.12
C SER A 191 -2.08 -12.31 -8.38
N LEU A 192 -1.58 -13.43 -7.88
CA LEU A 192 -2.30 -14.69 -8.02
C LEU A 192 -3.64 -14.64 -7.32
N MET A 193 -3.68 -14.05 -6.12
CA MET A 193 -4.95 -13.90 -5.41
C MET A 193 -5.93 -13.03 -6.18
N PHE A 194 -5.46 -11.96 -6.80
CA PHE A 194 -6.32 -11.12 -7.62
C PHE A 194 -6.86 -11.91 -8.81
N SER A 195 -5.99 -12.64 -9.51
CA SER A 195 -6.44 -13.43 -10.66
C SER A 195 -7.40 -14.53 -10.25
N GLN A 196 -7.32 -15.01 -9.01
CA GLN A 196 -8.22 -16.05 -8.53
C GLN A 196 -9.57 -15.50 -8.08
N PHE A 197 -9.60 -14.34 -7.43
CA PHE A 197 -10.84 -13.85 -6.85
C PHE A 197 -11.73 -13.16 -7.88
N THR A 198 -11.22 -12.11 -8.53
CA THR A 198 -12.05 -11.26 -9.36
C THR A 198 -12.01 -11.56 -10.83
N ASP A 199 -10.90 -12.08 -11.36
CA ASP A 199 -10.78 -12.27 -12.81
C ASP A 199 -11.84 -13.23 -13.32
N ILE A 200 -12.01 -14.36 -12.66
CA ILE A 200 -13.07 -15.31 -12.96
C ILE A 200 -13.43 -16.04 -11.68
N LYS A 201 -14.65 -15.85 -11.20
CA LYS A 201 -15.09 -16.47 -9.96
C LYS A 201 -15.71 -17.85 -10.20
N ARG A 202 -15.65 -18.35 -11.42
CA ARG A 202 -16.05 -19.72 -11.74
C ARG A 202 -14.94 -20.72 -11.47
N LYS A 203 -13.81 -20.28 -10.92
CA LYS A 203 -12.71 -21.16 -10.61
C LYS A 203 -13.02 -21.93 -9.33
N ASP A 204 -12.06 -22.73 -8.86
CA ASP A 204 -12.27 -23.62 -7.73
C ASP A 204 -11.40 -23.19 -6.55
N PHE A 205 -11.99 -23.21 -5.35
CA PHE A 205 -11.27 -22.96 -4.10
C PHE A 205 -11.01 -24.32 -3.46
N GLY A 206 -9.76 -24.76 -3.51
CA GLY A 206 -9.39 -26.08 -3.01
C GLY A 206 -8.12 -26.04 -2.20
N ILE A 207 -7.28 -27.06 -2.37
CA ILE A 207 -6.05 -27.14 -1.61
C ILE A 207 -5.07 -26.05 -2.03
N MET A 208 -5.04 -25.72 -3.33
CA MET A 208 -4.13 -24.69 -3.82
C MET A 208 -4.43 -23.34 -3.19
N PHE A 209 -5.71 -23.01 -3.00
CA PHE A 209 -6.07 -21.76 -2.36
C PHE A 209 -5.57 -21.72 -0.92
N LEU A 210 -5.72 -22.82 -0.20
CA LEU A 210 -5.20 -22.88 1.17
C LEU A 210 -3.68 -22.74 1.20
N HIS A 211 -3.00 -23.38 0.25
CA HIS A 211 -1.54 -23.28 0.19
C HIS A 211 -1.11 -21.85 -0.10
N HIS A 212 -1.82 -21.16 -1.00
CA HIS A 212 -1.50 -19.76 -1.27
C HIS A 212 -1.74 -18.88 -0.04
N LEU A 213 -2.83 -19.13 0.68
CA LEU A 213 -3.07 -18.36 1.90
C LEU A 213 -1.97 -18.58 2.92
N VAL A 214 -1.54 -19.83 3.09
CA VAL A 214 -0.46 -20.13 4.04
C VAL A 214 0.83 -19.44 3.61
N SER A 215 1.14 -19.47 2.32
CA SER A 215 2.35 -18.82 1.83
C SER A 215 2.32 -17.32 2.08
N ILE A 216 1.18 -16.68 1.80
CA ILE A 216 1.09 -15.24 2.02
C ILE A 216 1.23 -14.91 3.49
N PHE A 217 0.57 -15.69 4.36
CA PHE A 217 0.67 -15.45 5.80
C PHE A 217 2.12 -15.59 6.26
N LEU A 218 2.80 -16.65 5.82
CA LEU A 218 4.17 -16.87 6.24
C LEU A 218 5.08 -15.74 5.78
N ILE A 219 4.97 -15.33 4.52
CA ILE A 219 5.83 -14.26 4.01
C ILE A 219 5.59 -12.97 4.79
N THR A 220 4.32 -12.61 4.98
CA THR A 220 4.00 -11.36 5.68
C THR A 220 4.53 -11.37 7.11
N PHE A 221 4.20 -12.42 7.87
CA PHE A 221 4.54 -12.41 9.29
C PHE A 221 5.97 -12.86 9.58
N SER A 222 6.71 -13.30 8.56
CA SER A 222 8.15 -13.46 8.74
C SER A 222 8.90 -12.19 8.36
N TYR A 223 8.37 -11.41 7.41
CA TYR A 223 8.98 -10.11 7.14
C TYR A 223 8.75 -9.15 8.31
N VAL A 224 7.55 -9.16 8.89
CA VAL A 224 7.26 -8.25 10.00
C VAL A 224 8.13 -8.60 11.21
N ASN A 225 8.28 -9.88 11.50
CA ASN A 225 9.01 -10.34 12.68
C ASN A 225 10.51 -10.42 12.46
N ASN A 226 11.01 -10.00 11.30
CA ASN A 226 12.43 -10.01 10.95
C ASN A 226 13.01 -11.41 10.87
N MET A 227 12.21 -12.41 10.54
CA MET A 227 12.69 -13.76 10.27
C MET A 227 12.88 -13.97 8.77
N ALA A 228 13.68 -13.09 8.16
CA ALA A 228 13.84 -13.10 6.71
C ALA A 228 14.98 -13.99 6.25
N ARG A 229 15.98 -14.23 7.09
CA ARG A 229 17.13 -15.02 6.68
C ARG A 229 16.74 -16.46 6.36
N VAL A 230 15.90 -17.07 7.19
CA VAL A 230 15.40 -18.40 6.89
C VAL A 230 14.27 -18.36 5.86
N GLY A 231 13.55 -17.23 5.80
CA GLY A 231 12.51 -17.10 4.79
C GLY A 231 13.06 -17.15 3.38
N THR A 232 14.23 -16.54 3.16
CA THR A 232 14.82 -16.60 1.83
C THR A 232 15.22 -18.01 1.45
N LEU A 233 15.75 -18.78 2.41
CA LEU A 233 16.08 -20.17 2.15
C LEU A 233 14.84 -20.96 1.76
N VAL A 234 13.76 -20.78 2.50
CA VAL A 234 12.51 -21.49 2.18
C VAL A 234 11.99 -21.08 0.81
N LEU A 235 12.03 -19.78 0.51
CA LEU A 235 11.52 -19.29 -0.77
C LEU A 235 12.31 -19.88 -1.93
N CYS A 236 13.65 -19.86 -1.85
CA CYS A 236 14.45 -20.40 -2.94
C CYS A 236 14.23 -21.90 -3.07
N LEU A 237 14.17 -22.62 -1.95
CA LEU A 237 13.97 -24.07 -2.01
C LEU A 237 12.63 -24.41 -2.67
N HIS A 238 11.57 -23.67 -2.33
CA HIS A 238 10.26 -23.95 -2.90
C HIS A 238 10.12 -23.48 -4.34
N ASP A 239 10.81 -22.41 -4.73
CA ASP A 239 10.76 -21.95 -6.12
C ASP A 239 11.72 -22.71 -7.02
N SER A 240 12.57 -23.58 -6.47
CA SER A 240 13.45 -24.38 -7.31
C SER A 240 12.66 -25.31 -8.23
N ALA A 241 11.61 -25.94 -7.71
CA ALA A 241 10.88 -26.97 -8.44
C ALA A 241 9.69 -26.43 -9.23
N ASP A 242 9.36 -25.15 -9.10
CA ASP A 242 8.20 -24.60 -9.80
C ASP A 242 8.52 -24.09 -11.20
N ALA A 243 9.80 -24.05 -11.58
CA ALA A 243 10.17 -23.64 -12.93
C ALA A 243 10.08 -24.77 -13.95
N LEU A 244 9.98 -26.02 -13.51
CA LEU A 244 9.85 -27.16 -14.41
C LEU A 244 8.41 -27.60 -14.60
N LEU A 245 7.55 -27.39 -13.60
CA LEU A 245 6.15 -27.77 -13.74
C LEU A 245 5.47 -26.98 -14.86
N GLU A 246 5.75 -25.68 -14.95
CA GLU A 246 5.14 -24.87 -15.99
C GLU A 246 5.67 -25.26 -17.37
N ALA A 247 6.96 -25.60 -17.46
CA ALA A 247 7.51 -26.08 -18.73
C ALA A 247 6.86 -27.39 -19.14
N ALA A 248 6.64 -28.29 -18.18
CA ALA A 248 5.95 -29.54 -18.49
C ALA A 248 4.52 -29.28 -18.96
N LYS A 249 3.83 -28.34 -18.31
CA LYS A 249 2.48 -28.00 -18.74
C LYS A 249 2.46 -27.43 -20.15
N MET A 250 3.42 -26.54 -20.46
CA MET A 250 3.50 -25.99 -21.80
C MET A 250 3.77 -27.06 -22.83
N ALA A 251 4.66 -28.01 -22.51
CA ALA A 251 4.91 -29.12 -23.44
C ALA A 251 3.66 -29.97 -23.63
N ASN A 252 2.91 -30.19 -22.54
CA ASN A 252 1.67 -30.97 -22.64
C ASN A 252 0.65 -30.28 -23.53
N TYR A 253 0.49 -28.97 -23.39
CA TYR A 253 -0.46 -28.23 -24.22
C TYR A 253 -0.01 -28.10 -25.67
N ALA A 254 1.24 -28.40 -25.96
CA ALA A 254 1.76 -28.38 -27.33
C ALA A 254 1.73 -29.75 -28.00
N LYS A 255 1.13 -30.74 -27.34
CA LYS A 255 1.02 -32.10 -27.89
C LYS A 255 2.39 -32.70 -28.17
N PHE A 256 3.33 -32.48 -27.26
CA PHE A 256 4.66 -33.09 -27.32
C PHE A 256 4.74 -34.12 -26.20
N GLN A 257 4.45 -35.38 -26.53
CA GLN A 257 4.35 -36.41 -25.51
C GLN A 257 5.70 -36.69 -24.85
N LYS A 258 6.73 -36.93 -25.66
CA LYS A 258 8.02 -37.33 -25.10
C LYS A 258 8.64 -36.21 -24.27
N MET A 259 8.63 -34.99 -24.79
CA MET A 259 9.20 -33.87 -24.07
C MET A 259 8.44 -33.63 -22.76
N CYS A 260 7.11 -33.68 -22.80
CA CYS A 260 6.32 -33.50 -21.58
C CYS A 260 6.62 -34.58 -20.56
N ASP A 261 6.74 -35.83 -21.01
CA ASP A 261 7.03 -36.92 -20.09
C ASP A 261 8.40 -36.75 -19.44
N LEU A 262 9.41 -36.39 -20.22
CA LEU A 262 10.75 -36.19 -19.65
C LEU A 262 10.75 -35.02 -18.68
N LEU A 263 10.11 -33.91 -19.05
CA LEU A 263 10.07 -32.75 -18.17
C LEU A 263 9.34 -33.06 -16.88
N PHE A 264 8.24 -33.82 -16.96
CA PHE A 264 7.51 -34.14 -15.74
C PHE A 264 8.27 -35.13 -14.86
N VAL A 265 8.99 -36.08 -15.45
CA VAL A 265 9.81 -36.97 -14.63
C VAL A 265 10.88 -36.17 -13.89
N MET A 266 11.55 -35.26 -14.60
CA MET A 266 12.56 -34.42 -13.95
C MET A 266 11.94 -33.55 -12.86
N PHE A 267 10.76 -32.98 -13.14
CA PHE A 267 10.09 -32.17 -12.14
C PHE A 267 9.72 -32.98 -10.91
N ALA A 268 9.23 -34.20 -11.10
CA ALA A 268 8.88 -35.03 -9.96
C ALA A 268 10.11 -35.37 -9.13
N VAL A 269 11.23 -35.67 -9.79
CA VAL A 269 12.47 -35.94 -9.07
C VAL A 269 12.88 -34.73 -8.23
N VAL A 270 12.89 -33.55 -8.85
CA VAL A 270 13.30 -32.34 -8.15
C VAL A 270 12.33 -32.03 -7.00
N PHE A 271 11.02 -32.19 -7.24
CA PHE A 271 10.02 -31.90 -6.23
C PHE A 271 10.19 -32.79 -5.01
N ILE A 272 10.32 -34.10 -5.23
CA ILE A 272 10.50 -35.03 -4.13
C ILE A 272 11.79 -34.71 -3.38
N THR A 273 12.89 -34.50 -4.12
CA THR A 273 14.19 -34.28 -3.49
C THR A 273 14.18 -33.02 -2.63
N THR A 274 13.60 -31.94 -3.14
CA THR A 274 13.69 -30.64 -2.48
C THR A 274 12.56 -30.36 -1.50
N ARG A 275 11.50 -31.18 -1.47
CA ARG A 275 10.43 -30.95 -0.52
C ARG A 275 10.16 -32.12 0.41
N LEU A 276 10.87 -33.24 0.28
CA LEU A 276 10.76 -34.33 1.23
C LEU A 276 12.09 -34.78 1.80
N GLY A 277 13.22 -34.48 1.15
CA GLY A 277 14.50 -34.89 1.67
C GLY A 277 15.35 -33.74 2.16
N ILE A 278 15.25 -32.59 1.50
CA ILE A 278 16.06 -31.43 1.89
C ILE A 278 15.31 -30.53 2.85
N PHE A 279 14.02 -30.30 2.61
CA PHE A 279 13.26 -29.41 3.49
C PHE A 279 13.24 -29.87 4.94
N PRO A 280 12.86 -31.11 5.28
CA PRO A 280 12.80 -31.47 6.70
C PRO A 280 14.15 -31.67 7.37
N LEU A 281 15.23 -31.89 6.60
CA LEU A 281 16.54 -32.09 7.17
C LEU A 281 17.39 -30.83 7.19
N TRP A 282 16.97 -29.78 6.48
CA TRP A 282 17.75 -28.55 6.39
C TRP A 282 16.99 -27.34 6.90
N VAL A 283 15.71 -27.18 6.51
CA VAL A 283 14.94 -26.03 6.97
C VAL A 283 14.25 -26.34 8.31
N LEU A 284 13.62 -27.50 8.41
CA LEU A 284 12.99 -27.88 9.68
C LEU A 284 14.01 -28.18 10.76
N ASN A 285 15.27 -28.40 10.39
CA ASN A 285 16.31 -28.57 11.40
C ASN A 285 16.65 -27.26 12.08
N THR A 286 16.83 -26.19 11.28
CA THR A 286 17.25 -24.91 11.84
C THR A 286 16.12 -24.17 12.54
N THR A 287 14.87 -24.39 12.15
CA THR A 287 13.75 -23.70 12.75
C THR A 287 13.19 -24.42 13.97
N LEU A 288 13.67 -25.63 14.27
CA LEU A 288 13.22 -26.41 15.42
C LEU A 288 14.29 -26.56 16.48
N PHE A 289 15.50 -26.97 16.09
CA PHE A 289 16.56 -27.29 17.04
C PHE A 289 17.55 -26.16 17.26
N GLU A 290 18.11 -25.60 16.18
CA GLU A 290 19.06 -24.51 16.33
C GLU A 290 18.39 -23.27 16.90
N SER A 291 17.17 -22.97 16.45
CA SER A 291 16.45 -21.82 16.98
C SER A 291 16.15 -22.00 18.46
N TRP A 292 15.86 -23.23 18.88
CA TRP A 292 15.59 -23.48 20.29
C TRP A 292 16.81 -23.22 21.15
N GLU A 293 17.99 -23.66 20.69
CA GLU A 293 19.18 -23.57 21.53
C GLU A 293 19.90 -22.23 21.41
N ILE A 294 19.62 -21.44 20.37
CA ILE A 294 20.26 -20.15 20.19
C ILE A 294 19.39 -19.00 20.67
N VAL A 295 18.12 -18.98 20.26
CA VAL A 295 17.22 -17.91 20.65
C VAL A 295 16.48 -18.27 21.93
N GLY A 296 15.73 -19.37 21.90
CA GLY A 296 14.98 -19.80 23.04
C GLY A 296 13.52 -20.00 22.73
N PRO A 297 12.76 -20.53 23.69
CA PRO A 297 11.32 -20.74 23.45
C PRO A 297 10.49 -19.48 23.68
N TYR A 298 9.85 -18.99 22.63
CA TYR A 298 8.91 -17.89 22.70
C TYR A 298 7.64 -18.25 21.92
N PRO A 299 6.51 -17.62 22.25
CA PRO A 299 5.23 -18.11 21.70
C PRO A 299 5.15 -18.14 20.18
N SER A 300 5.76 -17.18 19.48
CA SER A 300 5.69 -17.18 18.03
C SER A 300 6.41 -18.37 17.40
N TRP A 301 7.35 -18.97 18.13
CA TRP A 301 8.06 -20.14 17.64
C TRP A 301 7.10 -21.29 17.36
N TRP A 302 6.16 -21.53 18.29
CA TRP A 302 5.19 -22.60 18.10
C TRP A 302 4.32 -22.35 16.88
N VAL A 303 3.86 -21.11 16.70
CA VAL A 303 2.97 -20.79 15.58
C VAL A 303 3.71 -21.01 14.26
N PHE A 304 4.93 -20.50 14.16
CA PHE A 304 5.66 -20.64 12.90
C PHE A 304 6.02 -22.09 12.61
N ASN A 305 6.37 -22.87 13.64
CA ASN A 305 6.71 -24.26 13.40
C ASN A 305 5.47 -25.08 13.04
N LEU A 306 4.32 -24.78 13.63
CA LEU A 306 3.09 -25.45 13.22
C LEU A 306 2.75 -25.13 11.76
N LEU A 307 2.92 -23.88 11.36
CA LEU A 307 2.68 -23.54 9.96
C LEU A 307 3.66 -24.25 9.03
N LEU A 308 4.92 -24.37 9.43
CA LEU A 308 5.88 -25.11 8.61
C LEU A 308 5.51 -26.58 8.51
N LEU A 309 5.01 -27.17 9.60
CA LEU A 309 4.56 -28.56 9.54
C LEU A 309 3.35 -28.71 8.62
N LEU A 310 2.44 -27.73 8.64
CA LEU A 310 1.32 -27.75 7.71
C LEU A 310 1.79 -27.67 6.26
N VAL A 311 2.79 -26.84 5.99
CA VAL A 311 3.37 -26.76 4.65
C VAL A 311 3.98 -28.10 4.27
N GLN A 312 4.65 -28.76 5.21
CA GLN A 312 5.22 -30.07 4.94
C GLN A 312 4.14 -31.08 4.58
N GLY A 313 3.02 -31.07 5.31
CA GLY A 313 1.94 -31.98 4.99
C GLY A 313 1.34 -31.72 3.62
N LEU A 314 1.12 -30.45 3.28
CA LEU A 314 0.60 -30.12 1.96
C LEU A 314 1.56 -30.57 0.87
N ASN A 315 2.87 -30.38 1.08
CA ASN A 315 3.84 -30.84 0.12
C ASN A 315 3.84 -32.36 0.00
N CYS A 316 3.60 -33.07 1.10
CA CYS A 316 3.48 -34.52 1.03
C CYS A 316 2.29 -34.92 0.17
N PHE A 317 1.15 -34.25 0.34
CA PHE A 317 -0.03 -34.55 -0.47
C PHE A 317 0.24 -34.28 -1.95
N TRP A 318 0.84 -33.13 -2.26
CA TRP A 318 1.15 -32.81 -3.65
C TRP A 318 2.12 -33.82 -4.24
N SER A 319 3.12 -34.22 -3.46
CA SER A 319 4.11 -35.18 -3.95
C SER A 319 3.46 -36.54 -4.20
N TYR A 320 2.51 -36.93 -3.35
CA TYR A 320 1.78 -38.18 -3.58
C TYR A 320 1.03 -38.14 -4.91
N LEU A 321 0.30 -37.05 -5.15
CA LEU A 321 -0.40 -36.93 -6.43
C LEU A 321 0.57 -36.91 -7.60
N ILE A 322 1.69 -36.21 -7.44
CA ILE A 322 2.67 -36.09 -8.52
C ILE A 322 3.26 -37.44 -8.88
N VAL A 323 3.64 -38.23 -7.88
CA VAL A 323 4.24 -39.54 -8.16
C VAL A 323 3.19 -40.50 -8.72
N LYS A 324 1.95 -40.42 -8.24
CA LYS A 324 0.90 -41.26 -8.81
C LYS A 324 0.71 -40.97 -10.28
N ILE A 325 0.76 -39.68 -10.66
CA ILE A 325 0.66 -39.33 -12.08
C ILE A 325 1.90 -39.76 -12.84
N ALA A 326 3.08 -39.56 -12.25
CA ALA A 326 4.33 -39.83 -12.95
C ALA A 326 4.57 -41.32 -13.17
N CYS A 327 3.95 -42.19 -12.37
CA CYS A 327 4.06 -43.62 -12.62
C CYS A 327 3.49 -43.97 -13.99
N LYS A 328 2.37 -43.36 -14.35
CA LYS A 328 1.80 -43.58 -15.68
C LYS A 328 2.74 -43.12 -16.77
N ALA A 329 3.39 -41.96 -16.58
CA ALA A 329 4.33 -41.46 -17.57
C ALA A 329 5.52 -42.40 -17.72
N VAL A 330 6.02 -42.92 -16.60
CA VAL A 330 7.13 -43.86 -16.65
C VAL A 330 6.73 -45.13 -17.39
N SER A 331 5.52 -45.63 -17.12
CA SER A 331 5.04 -46.83 -17.80
C SER A 331 4.89 -46.58 -19.30
N ARG A 332 4.37 -45.41 -19.68
CA ARG A 332 4.21 -45.10 -21.09
C ARG A 332 5.56 -44.95 -21.78
N GLY A 333 6.56 -44.40 -21.08
CA GLY A 333 7.86 -44.19 -21.68
C GLY A 333 8.60 -45.48 -22.00
N LYS A 334 8.26 -46.56 -21.31
CA LYS A 334 8.91 -47.85 -21.54
C LYS A 334 8.35 -48.52 -22.79
N GLN B 1 26.98 2.80 20.05
CA GLN B 1 26.40 3.95 20.73
C GLN B 1 26.36 3.73 22.24
N VAL B 2 27.40 3.08 22.76
CA VAL B 2 27.53 2.81 24.18
C VAL B 2 28.92 3.20 24.63
N GLN B 3 29.02 3.73 25.85
CA GLN B 3 30.29 4.08 26.45
C GLN B 3 30.70 2.97 27.41
N LEU B 4 31.86 2.37 27.17
CA LEU B 4 32.31 1.21 27.92
C LEU B 4 33.48 1.59 28.82
N VAL B 5 33.37 1.23 30.10
CA VAL B 5 34.41 1.48 31.10
C VAL B 5 34.82 0.16 31.71
N GLU B 6 36.13 -0.09 31.76
CA GLU B 6 36.67 -1.36 32.23
C GLU B 6 37.18 -1.24 33.66
N SER B 7 37.20 -2.38 34.35
CA SER B 7 37.70 -2.45 35.71
C SER B 7 38.11 -3.89 36.00
N GLY B 8 38.88 -4.05 37.08
CA GLY B 8 39.34 -5.36 37.52
C GLY B 8 40.78 -5.67 37.18
N GLY B 9 41.50 -4.76 36.53
CA GLY B 9 42.88 -5.01 36.17
C GLY B 9 43.80 -4.95 37.37
N GLY B 10 45.00 -5.46 37.18
CA GLY B 10 46.00 -5.48 38.22
C GLY B 10 46.99 -6.61 38.01
N LEU B 11 47.89 -6.75 38.98
CA LEU B 11 48.90 -7.80 38.95
C LEU B 11 48.40 -9.03 39.69
N VAL B 12 48.64 -10.20 39.11
CA VAL B 12 48.20 -11.47 39.67
C VAL B 12 49.37 -12.45 39.66
N GLN B 13 49.28 -13.45 40.53
CA GLN B 13 50.30 -14.48 40.60
C GLN B 13 50.13 -15.49 39.46
N ALA B 14 51.13 -16.33 39.30
CA ALA B 14 51.08 -17.36 38.25
C ALA B 14 50.00 -18.38 38.56
N GLU B 15 49.30 -18.82 37.51
CA GLU B 15 48.20 -19.78 37.62
C GLU B 15 47.14 -19.30 38.61
N GLY B 16 46.85 -18.01 38.58
CA GLY B 16 45.87 -17.40 39.45
C GLY B 16 44.50 -17.32 38.84
N SER B 17 43.73 -16.33 39.27
CA SER B 17 42.39 -16.11 38.75
C SER B 17 42.09 -14.61 38.77
N LEU B 18 41.36 -14.15 37.75
CA LEU B 18 41.02 -12.74 37.63
C LEU B 18 39.64 -12.62 36.99
N ARG B 19 39.00 -11.47 37.17
CA ARG B 19 37.64 -11.24 36.66
C ARG B 19 37.54 -9.80 36.20
N LEU B 20 37.67 -9.58 34.89
CA LEU B 20 37.53 -8.24 34.33
C LEU B 20 36.06 -7.92 34.10
N SER B 21 35.70 -6.66 34.33
CA SER B 21 34.35 -6.19 34.12
C SER B 21 34.34 -5.01 33.16
N CYS B 22 33.30 -4.95 32.34
CA CYS B 22 33.12 -3.89 31.33
C CYS B 22 31.69 -3.38 31.47
N ALA B 23 31.54 -2.19 32.02
CA ALA B 23 30.22 -1.61 32.23
C ALA B 23 29.88 -0.62 31.14
N ALA B 24 28.60 -0.56 30.80
CA ALA B 24 28.11 0.28 29.71
C ALA B 24 27.23 1.38 30.27
N SER B 25 27.43 2.61 29.78
CA SER B 25 26.62 3.76 30.16
C SER B 25 25.59 4.01 29.06
N GLY B 26 24.51 3.25 29.11
CA GLY B 26 23.45 3.38 28.12
C GLY B 26 22.40 2.29 28.24
N ARG B 27 21.25 2.52 27.62
CA ARG B 27 20.14 1.56 27.64
C ARG B 27 20.16 0.62 26.45
N THR B 28 21.12 0.77 25.53
CA THR B 28 21.22 -0.06 24.34
C THR B 28 22.31 -1.11 24.45
N PHE B 29 22.87 -1.33 25.65
CA PHE B 29 23.91 -2.33 25.81
C PHE B 29 23.41 -3.74 25.51
N ARG B 30 22.11 -3.98 25.68
CA ARG B 30 21.53 -5.30 25.49
C ARG B 30 21.23 -5.62 24.04
N THR B 31 21.47 -4.71 23.11
CA THR B 31 21.25 -4.96 21.69
C THR B 31 22.55 -5.07 20.91
N TYR B 32 23.69 -5.14 21.60
CA TYR B 32 24.99 -5.27 20.95
C TYR B 32 25.74 -6.44 21.54
N GLY B 33 26.56 -7.08 20.72
CA GLY B 33 27.38 -8.18 21.19
C GLY B 33 28.74 -7.73 21.67
N MET B 34 29.11 -8.16 22.87
CA MET B 34 30.36 -7.73 23.47
C MET B 34 31.53 -8.61 23.02
N GLY B 35 32.73 -8.05 23.14
CA GLY B 35 33.93 -8.77 22.81
C GLY B 35 35.13 -8.13 23.47
N TRP B 36 36.20 -8.90 23.60
CA TRP B 36 37.42 -8.48 24.26
C TRP B 36 38.61 -8.67 23.32
N PHE B 37 39.61 -7.81 23.47
CA PHE B 37 40.80 -7.86 22.64
C PHE B 37 42.04 -7.68 23.50
N ARG B 38 43.16 -8.22 23.03
CA ARG B 38 44.41 -8.22 23.76
C ARG B 38 45.47 -7.43 23.00
N GLN B 39 46.26 -6.66 23.76
CA GLN B 39 47.35 -5.85 23.19
C GLN B 39 48.61 -6.16 24.00
N ALA B 40 49.48 -6.98 23.45
CA ALA B 40 50.74 -7.33 24.07
C ALA B 40 51.84 -6.38 23.60
N PRO B 41 52.94 -6.29 24.33
CA PRO B 41 54.08 -5.49 23.86
C PRO B 41 54.56 -5.99 22.50
N GLY B 42 54.56 -5.09 21.52
CA GLY B 42 54.87 -5.48 20.15
C GLY B 42 53.71 -6.21 19.49
N LYS B 43 53.99 -6.73 18.30
CA LYS B 43 53.01 -7.48 17.49
C LYS B 43 51.81 -6.56 17.25
N GLU B 44 50.58 -7.05 17.41
CA GLU B 44 49.38 -6.24 17.20
C GLU B 44 48.28 -6.76 18.10
N ARG B 45 47.09 -6.19 17.93
CA ARG B 45 45.94 -6.63 18.72
C ARG B 45 45.51 -8.04 18.33
N GLU B 46 45.04 -8.78 19.33
CA GLU B 46 44.57 -10.14 19.13
C GLU B 46 43.17 -10.28 19.70
N PHE B 47 42.41 -11.22 19.14
CA PHE B 47 41.07 -11.51 19.60
C PHE B 47 41.11 -12.50 20.76
N VAL B 48 40.28 -12.26 21.77
CA VAL B 48 40.23 -13.09 22.97
C VAL B 48 38.92 -13.86 23.06
N ALA B 49 37.79 -13.15 23.16
CA ALA B 49 36.50 -13.80 23.31
C ALA B 49 35.41 -12.82 22.88
N ALA B 50 34.23 -13.36 22.62
CA ALA B 50 33.08 -12.53 22.27
C ALA B 50 31.81 -13.34 22.47
N LEU B 51 30.68 -12.61 22.52
CA LEU B 51 29.37 -13.24 22.65
C LEU B 51 28.33 -12.30 22.07
N ASN B 52 27.15 -12.85 21.78
CA ASN B 52 26.08 -12.07 21.16
C ASN B 52 25.25 -11.39 22.24
N TRP B 53 24.16 -10.75 21.83
CA TRP B 53 23.42 -9.88 22.73
C TRP B 53 22.80 -10.63 23.90
N SER B 54 22.24 -11.81 23.65
CA SER B 54 21.58 -12.57 24.69
C SER B 54 22.54 -13.38 25.55
N GLY B 55 23.78 -13.56 25.11
CA GLY B 55 24.73 -14.37 25.84
C GLY B 55 24.61 -15.85 25.62
N SER B 56 23.67 -16.30 24.77
CA SER B 56 23.52 -17.73 24.52
C SER B 56 24.72 -18.29 23.77
N SER B 57 25.22 -17.57 22.79
CA SER B 57 26.31 -18.02 21.94
C SER B 57 27.59 -17.29 22.33
N THR B 58 28.67 -18.06 22.53
CA THR B 58 29.92 -17.51 23.02
C THR B 58 31.07 -18.20 22.29
N TYR B 59 32.03 -17.42 21.80
CA TYR B 59 33.17 -18.00 21.10
C TYR B 59 34.46 -17.31 21.53
N TYR B 60 35.50 -18.11 21.73
CA TYR B 60 36.79 -17.65 22.20
C TYR B 60 37.83 -17.85 21.09
N ALA B 61 39.09 -17.57 21.43
CA ALA B 61 40.21 -17.84 20.55
C ALA B 61 40.82 -19.20 20.88
N ASP B 62 41.60 -19.72 19.93
CA ASP B 62 42.19 -21.05 20.11
C ASP B 62 43.17 -21.08 21.28
N SER B 63 43.99 -20.04 21.40
CA SER B 63 45.04 -20.05 22.43
C SER B 63 44.45 -19.89 23.83
N VAL B 64 43.28 -19.25 23.95
CA VAL B 64 42.70 -18.98 25.26
C VAL B 64 41.50 -19.87 25.57
N LYS B 65 41.15 -20.79 24.66
CA LYS B 65 39.97 -21.61 24.87
C LYS B 65 40.17 -22.60 26.00
N GLY B 66 39.15 -22.75 26.84
CA GLY B 66 39.18 -23.66 27.95
C GLY B 66 39.53 -23.03 29.29
N ARG B 67 40.10 -21.82 29.29
CA ARG B 67 40.46 -21.13 30.52
C ARG B 67 39.67 -19.86 30.77
N PHE B 68 39.27 -19.15 29.72
CA PHE B 68 38.57 -17.88 29.84
C PHE B 68 37.09 -18.09 29.55
N THR B 69 36.24 -17.52 30.40
CA THR B 69 34.79 -17.61 30.23
C THR B 69 34.22 -16.20 30.27
N ILE B 70 33.50 -15.82 29.21
CA ILE B 70 32.92 -14.50 29.07
C ILE B 70 31.41 -14.61 29.16
N SER B 71 30.80 -13.79 30.01
CA SER B 71 29.34 -13.76 30.17
C SER B 71 28.92 -12.30 30.25
N ARG B 72 27.62 -12.09 30.44
CA ARG B 72 27.11 -10.72 30.52
C ARG B 72 25.84 -10.72 31.36
N ASP B 73 25.51 -9.54 31.89
CA ASP B 73 24.30 -9.31 32.66
C ASP B 73 23.62 -8.08 32.05
N ASN B 74 22.48 -8.31 31.40
CA ASN B 74 21.73 -7.21 30.81
C ASN B 74 20.93 -6.44 31.85
N ALA B 75 20.68 -7.03 33.02
CA ALA B 75 20.00 -6.31 34.08
C ALA B 75 20.87 -5.21 34.67
N LYS B 76 22.15 -5.50 34.87
CA LYS B 76 23.11 -4.51 35.36
C LYS B 76 23.84 -3.79 34.24
N ASN B 77 23.56 -4.13 32.98
CA ASN B 77 24.21 -3.53 31.82
C ASN B 77 25.73 -3.64 31.92
N THR B 78 26.22 -4.88 31.98
CA THR B 78 27.66 -5.08 32.10
C THR B 78 28.04 -6.43 31.52
N ALA B 79 29.34 -6.62 31.30
CA ALA B 79 29.89 -7.87 30.81
C ALA B 79 31.07 -8.27 31.67
N TYR B 80 31.27 -9.58 31.81
CA TYR B 80 32.32 -10.11 32.65
C TYR B 80 33.19 -11.10 31.86
N LEU B 81 34.47 -11.13 32.20
CA LEU B 81 35.41 -12.09 31.65
C LEU B 81 36.22 -12.68 32.79
N GLN B 82 36.01 -13.97 33.08
CA GLN B 82 36.71 -14.67 34.13
C GLN B 82 37.86 -15.46 33.52
N MET B 83 39.08 -15.16 33.97
CA MET B 83 40.29 -15.81 33.50
C MET B 83 40.84 -16.70 34.60
N ASN B 84 41.03 -17.98 34.29
CA ASN B 84 41.53 -18.96 35.23
C ASN B 84 42.83 -19.55 34.69
N SER B 85 43.75 -19.87 35.60
CA SER B 85 45.04 -20.48 35.28
C SER B 85 45.80 -19.61 34.27
N LEU B 86 46.12 -18.40 34.72
CA LEU B 86 46.78 -17.44 33.86
C LEU B 86 48.21 -17.87 33.56
N LYS B 87 48.74 -17.34 32.47
CA LYS B 87 50.08 -17.65 31.99
C LYS B 87 50.83 -16.35 31.75
N PRO B 88 52.16 -16.38 31.75
CA PRO B 88 52.91 -15.14 31.49
C PRO B 88 52.61 -14.52 30.14
N GLU B 89 52.18 -15.31 29.15
CA GLU B 89 51.81 -14.75 27.87
C GLU B 89 50.56 -13.89 27.94
N ASP B 90 49.79 -13.98 29.03
CA ASP B 90 48.58 -13.19 29.18
C ASP B 90 48.83 -11.76 29.64
N THR B 91 50.07 -11.43 30.02
CA THR B 91 50.39 -10.08 30.46
C THR B 91 50.25 -9.13 29.28
N ALA B 92 49.21 -8.31 29.29
CA ALA B 92 48.91 -7.42 28.16
C ALA B 92 47.81 -6.45 28.60
N VAL B 93 47.37 -5.60 27.68
CA VAL B 93 46.31 -4.64 27.95
C VAL B 93 45.04 -5.16 27.28
N TYR B 94 43.95 -5.22 28.04
CA TYR B 94 42.68 -5.74 27.56
C TYR B 94 41.75 -4.60 27.19
N TYR B 95 41.09 -4.73 26.05
CA TYR B 95 40.14 -3.76 25.53
C TYR B 95 38.76 -4.40 25.41
N CYS B 96 37.73 -3.61 25.70
CA CYS B 96 36.34 -4.04 25.61
C CYS B 96 35.68 -3.32 24.45
N ALA B 97 34.94 -4.06 23.63
CA ALA B 97 34.33 -3.46 22.45
C ALA B 97 33.02 -4.16 22.15
N ALA B 98 32.28 -3.60 21.19
CA ALA B 98 30.98 -4.12 20.80
C ALA B 98 30.89 -4.24 19.29
N LEU B 99 30.11 -5.22 18.82
CA LEU B 99 29.88 -5.38 17.39
C LEU B 99 29.08 -4.20 16.86
N ARG B 100 29.41 -3.74 15.67
CA ARG B 100 28.83 -2.51 15.14
C ARG B 100 27.59 -2.75 14.30
N ARG B 101 26.66 -3.56 14.81
CA ARG B 101 25.29 -3.66 14.30
C ARG B 101 25.25 -4.20 12.88
N LYS B 102 26.40 -4.37 12.23
CA LYS B 102 26.45 -4.87 10.87
C LYS B 102 27.49 -5.96 10.67
N ALA B 103 28.35 -6.17 11.65
CA ALA B 103 29.30 -7.27 11.59
C ALA B 103 28.59 -8.56 12.00
N GLU B 104 28.83 -9.62 11.24
CA GLU B 104 28.22 -10.90 11.51
C GLU B 104 28.85 -11.53 12.75
N TYR B 105 28.10 -12.40 13.40
CA TYR B 105 28.61 -13.12 14.56
C TYR B 105 29.78 -13.99 14.13
N GLY B 106 30.76 -14.13 15.03
CA GLY B 106 31.98 -14.84 14.71
C GLY B 106 33.08 -13.98 14.15
N SER B 107 32.89 -12.67 14.06
CA SER B 107 33.93 -11.79 13.55
C SER B 107 35.09 -11.71 14.53
N ARG B 108 36.31 -11.75 13.99
CA ARG B 108 37.53 -11.67 14.79
C ARG B 108 38.45 -10.58 14.27
N SER B 109 37.89 -9.50 13.74
CA SER B 109 38.65 -8.43 13.13
C SER B 109 38.43 -7.12 13.88
N ILE B 110 39.45 -6.25 13.84
CA ILE B 110 39.38 -4.99 14.55
C ILE B 110 38.31 -4.08 13.94
N ALA B 111 38.18 -4.11 12.62
CA ALA B 111 37.25 -3.21 11.93
C ALA B 111 35.79 -3.54 12.25
N ASP B 112 35.51 -4.71 12.81
CA ASP B 112 34.15 -5.14 13.09
C ASP B 112 33.65 -4.71 14.46
N PHE B 113 34.50 -4.08 15.28
CA PHE B 113 34.12 -3.63 16.61
C PHE B 113 34.31 -2.12 16.68
N ASP B 114 33.27 -1.40 17.07
CA ASP B 114 33.27 0.06 16.99
C ASP B 114 33.53 0.75 18.33
N SER B 115 32.70 0.49 19.33
CA SER B 115 32.76 1.23 20.59
C SER B 115 33.88 0.65 21.45
N TRP B 116 35.06 1.23 21.35
CA TRP B 116 36.23 0.74 22.07
C TRP B 116 36.24 1.29 23.50
N SER B 117 37.30 0.97 24.23
CA SER B 117 37.47 1.41 25.61
C SER B 117 38.94 1.69 25.87
N LYS B 118 39.21 2.28 27.03
CA LYS B 118 40.59 2.62 27.39
C LYS B 118 41.44 1.36 27.59
N GLY B 119 40.89 0.37 28.29
CA GLY B 119 41.61 -0.87 28.50
C GLY B 119 42.28 -0.95 29.85
N THR B 120 42.58 -2.16 30.31
CA THR B 120 43.22 -2.34 31.61
C THR B 120 44.46 -3.22 31.45
N PRO B 121 45.53 -2.92 32.19
CA PRO B 121 46.74 -3.74 32.11
C PRO B 121 46.73 -4.90 33.08
N VAL B 122 47.07 -6.10 32.61
CA VAL B 122 47.13 -7.29 33.44
C VAL B 122 48.53 -7.87 33.31
N THR B 123 49.19 -8.08 34.44
CA THR B 123 50.54 -8.63 34.48
C THR B 123 50.54 -9.96 35.24
N VAL B 124 51.17 -10.96 34.65
CA VAL B 124 51.24 -12.29 35.27
C VAL B 124 52.69 -12.67 35.53
N GLN C 1 8.67 27.67 17.52
CA GLN C 1 10.03 27.19 17.67
C GLN C 1 11.04 28.23 17.18
N VAL C 2 10.72 29.50 17.42
CA VAL C 2 11.58 30.61 17.03
C VAL C 2 11.74 31.55 18.21
N GLN C 3 12.93 32.12 18.35
CA GLN C 3 13.22 33.10 19.39
C GLN C 3 13.14 34.49 18.77
N LEU C 4 12.26 35.32 19.31
CA LEU C 4 11.98 36.64 18.74
C LEU C 4 12.54 37.72 19.64
N VAL C 5 13.29 38.65 19.06
CA VAL C 5 13.89 39.78 19.77
C VAL C 5 13.42 41.06 19.10
N GLU C 6 12.92 42.00 19.91
CA GLU C 6 12.36 43.23 19.40
C GLU C 6 13.33 44.39 19.53
N SER C 7 13.16 45.39 18.69
CA SER C 7 13.98 46.60 18.71
C SER C 7 13.21 47.72 18.03
N GLY C 8 13.69 48.95 18.27
CA GLY C 8 13.09 50.14 17.69
C GLY C 8 12.22 50.94 18.63
N GLY C 9 12.06 50.51 19.88
CA GLY C 9 11.26 51.25 20.82
C GLY C 9 11.91 52.54 21.27
N GLY C 10 11.09 53.38 21.89
CA GLY C 10 11.57 54.66 22.39
C GLY C 10 10.44 55.67 22.44
N LEU C 11 10.81 56.88 22.82
CA LEU C 11 9.87 57.99 22.90
C LEU C 11 9.82 58.75 21.58
N VAL C 12 8.61 59.10 21.15
CA VAL C 12 8.41 59.81 19.90
C VAL C 12 7.46 60.98 20.14
N GLN C 13 7.53 61.96 19.25
CA GLN C 13 6.66 63.13 19.34
C GLN C 13 5.26 62.79 18.82
N ALA C 14 4.33 63.70 19.07
CA ALA C 14 2.96 63.52 18.60
C ALA C 14 2.88 63.56 17.09
N GLU C 15 2.05 62.68 16.52
CA GLU C 15 1.88 62.56 15.07
C GLU C 15 3.22 62.31 14.37
N GLY C 16 4.06 61.49 14.98
CA GLY C 16 5.36 61.15 14.45
C GLY C 16 5.35 59.90 13.62
N SER C 17 6.50 59.21 13.59
CA SER C 17 6.64 57.97 12.84
C SER C 17 7.64 57.08 13.57
N LEU C 18 7.38 55.77 13.54
CA LEU C 18 8.25 54.81 14.21
C LEU C 18 8.24 53.51 13.40
N ARG C 19 9.26 52.68 13.63
CA ARG C 19 9.42 51.43 12.88
C ARG C 19 9.97 50.37 13.82
N LEU C 20 9.10 49.53 14.34
CA LEU C 20 9.52 48.43 15.21
C LEU C 20 9.98 47.24 14.37
N SER C 21 11.01 46.55 14.86
CA SER C 21 11.54 45.38 14.19
C SER C 21 11.53 44.20 15.15
N CYS C 22 11.27 43.02 14.60
CA CYS C 22 11.21 41.76 15.36
C CYS C 22 12.04 40.74 14.59
N ALA C 23 13.21 40.42 15.12
CA ALA C 23 14.11 39.48 14.45
C ALA C 23 13.99 38.10 15.07
N ALA C 24 14.16 37.07 14.24
CA ALA C 24 13.99 35.68 14.65
C ALA C 24 15.34 34.97 14.57
N SER C 25 15.65 34.19 15.61
CA SER C 25 16.86 33.39 15.65
C SER C 25 16.49 31.95 15.29
N GLY C 26 16.39 31.69 13.99
CA GLY C 26 16.06 30.37 13.51
C GLY C 26 15.80 30.33 12.01
N ARG C 27 15.82 29.14 11.43
CA ARG C 27 15.58 28.95 10.01
C ARG C 27 14.12 28.65 9.68
N THR C 28 13.25 28.59 10.69
CA THR C 28 11.83 28.31 10.49
C THR C 28 10.96 29.54 10.62
N PHE C 29 11.55 30.74 10.62
CA PHE C 29 10.77 31.96 10.73
C PHE C 29 9.85 32.15 9.53
N ARG C 30 10.22 31.58 8.38
CA ARG C 30 9.46 31.76 7.15
C ARG C 30 8.26 30.82 7.03
N THR C 31 8.07 29.93 8.00
CA THR C 31 6.92 29.02 7.98
C THR C 31 5.89 29.37 9.05
N TYR C 32 6.02 30.53 9.71
CA TYR C 32 5.08 30.96 10.73
C TYR C 32 4.59 32.36 10.41
N GLY C 33 3.35 32.64 10.79
CA GLY C 33 2.79 33.96 10.59
C GLY C 33 3.03 34.87 11.77
N MET C 34 3.55 36.07 11.52
CA MET C 34 3.89 36.99 12.59
C MET C 34 2.68 37.82 13.00
N GLY C 35 2.75 38.36 14.22
CA GLY C 35 1.71 39.23 14.74
C GLY C 35 2.24 40.06 15.88
N TRP C 36 1.54 41.16 16.14
CA TRP C 36 1.93 42.11 17.18
C TRP C 36 0.77 42.31 18.14
N PHE C 37 1.10 42.59 19.40
CA PHE C 37 0.11 42.81 20.44
C PHE C 37 0.49 44.02 21.28
N ARG C 38 -0.52 44.66 21.86
CA ARG C 38 -0.35 45.88 22.63
C ARG C 38 -0.75 45.65 24.09
N GLN C 39 0.04 46.24 24.99
CA GLN C 39 -0.22 46.15 26.43
C GLN C 39 -0.17 47.55 26.99
N ALA C 40 -1.33 48.14 27.24
CA ALA C 40 -1.45 49.46 27.83
C ALA C 40 -1.56 49.36 29.33
N PRO C 41 -1.28 50.45 30.06
CA PRO C 41 -1.50 50.44 31.51
C PRO C 41 -2.95 50.12 31.85
N GLY C 42 -3.14 49.06 32.63
CA GLY C 42 -4.47 48.57 32.92
C GLY C 42 -5.05 47.81 31.73
N LYS C 43 -6.33 47.48 31.87
CA LYS C 43 -7.09 46.74 30.84
C LYS C 43 -6.37 45.41 30.59
N GLU C 44 -6.18 45.01 29.34
CA GLU C 44 -5.51 43.77 29.01
C GLU C 44 -4.82 43.91 27.66
N ARG C 45 -4.24 42.82 27.17
CA ARG C 45 -3.59 42.83 25.88
C ARG C 45 -4.59 43.01 24.75
N GLU C 46 -4.17 43.73 23.71
CA GLU C 46 -5.00 43.98 22.54
C GLU C 46 -4.24 43.57 21.29
N PHE C 47 -5.00 43.21 20.25
CA PHE C 47 -4.42 42.83 18.97
C PHE C 47 -4.18 44.07 18.12
N VAL C 48 -3.04 44.09 17.44
CA VAL C 48 -2.63 45.23 16.61
C VAL C 48 -2.63 44.86 15.13
N ALA C 49 -1.80 43.90 14.73
CA ALA C 49 -1.69 43.54 13.32
C ALA C 49 -1.11 42.13 13.24
N ALA C 50 -1.27 41.52 12.07
CA ALA C 50 -0.70 40.20 11.82
C ALA C 50 -0.66 39.95 10.32
N LEU C 51 0.15 38.95 9.94
CA LEU C 51 0.25 38.54 8.54
C LEU C 51 0.69 37.09 8.49
N ASN C 52 0.49 36.47 7.33
CA ASN C 52 0.82 35.06 7.17
C ASN C 52 2.28 34.91 6.76
N TRP C 53 2.68 33.67 6.44
CA TRP C 53 4.10 33.38 6.25
C TRP C 53 4.69 34.11 5.05
N SER C 54 3.96 34.18 3.95
CA SER C 54 4.48 34.82 2.75
C SER C 54 4.34 36.33 2.76
N GLY C 55 3.54 36.89 3.66
CA GLY C 55 3.31 38.31 3.69
C GLY C 55 2.29 38.83 2.71
N SER C 56 1.68 37.95 1.91
CA SER C 56 0.68 38.38 0.94
C SER C 56 -0.57 38.91 1.64
N SER C 57 -1.02 38.23 2.69
CA SER C 57 -2.24 38.58 3.40
C SER C 57 -1.89 39.24 4.72
N THR C 58 -2.52 40.38 4.99
CA THR C 58 -2.20 41.20 6.16
C THR C 58 -3.48 41.76 6.73
N TYR C 59 -3.67 41.65 8.05
CA TYR C 59 -4.88 42.17 8.68
C TYR C 59 -4.52 42.88 9.97
N TYR C 60 -5.16 44.02 10.19
CA TYR C 60 -4.93 44.89 11.34
C TYR C 60 -6.17 44.91 12.23
N ALA C 61 -6.12 45.74 13.26
CA ALA C 61 -7.28 45.98 14.11
C ALA C 61 -8.03 47.23 13.62
N ASP C 62 -9.27 47.36 14.08
CA ASP C 62 -10.12 48.46 13.64
C ASP C 62 -9.55 49.81 14.09
N SER C 63 -9.08 49.89 15.34
CA SER C 63 -8.63 51.17 15.87
C SER C 63 -7.31 51.62 15.24
N VAL C 64 -6.51 50.69 14.76
CA VAL C 64 -5.19 51.02 14.20
C VAL C 64 -5.15 50.93 12.68
N LYS C 65 -6.26 50.60 12.04
CA LYS C 65 -6.27 50.40 10.60
C LYS C 65 -6.08 51.73 9.88
N GLY C 66 -5.24 51.71 8.84
CA GLY C 66 -4.96 52.89 8.04
C GLY C 66 -3.70 53.63 8.42
N ARG C 67 -3.14 53.39 9.60
CA ARG C 67 -1.92 54.05 10.03
C ARG C 67 -0.74 53.11 10.20
N PHE C 68 -0.97 51.86 10.58
CA PHE C 68 0.09 50.90 10.84
C PHE C 68 0.18 49.93 9.68
N THR C 69 1.41 49.68 9.23
CA THR C 69 1.66 48.74 8.13
C THR C 69 2.70 47.73 8.58
N ILE C 70 2.35 46.45 8.52
CA ILE C 70 3.23 45.37 8.96
C ILE C 70 3.66 44.56 7.75
N SER C 71 4.97 44.33 7.63
CA SER C 71 5.53 43.54 6.55
C SER C 71 6.60 42.63 7.13
N ARG C 72 7.26 41.86 6.27
CA ARG C 72 8.29 40.94 6.74
C ARG C 72 9.28 40.70 5.62
N ASP C 73 10.48 40.28 6.01
CA ASP C 73 11.55 39.92 5.08
C ASP C 73 12.03 38.54 5.50
N ASN C 74 11.75 37.54 4.65
CA ASN C 74 12.20 36.17 4.92
C ASN C 74 13.66 35.97 4.58
N ALA C 75 14.25 36.86 3.77
CA ALA C 75 15.68 36.76 3.48
C ALA C 75 16.52 37.13 4.71
N LYS C 76 16.12 38.16 5.43
CA LYS C 76 16.79 38.57 6.65
C LYS C 76 16.18 37.96 7.90
N ASN C 77 15.12 37.16 7.75
CA ASN C 77 14.43 36.52 8.87
C ASN C 77 13.98 37.56 9.91
N THR C 78 13.14 38.49 9.48
CA THR C 78 12.68 39.53 10.38
C THR C 78 11.31 40.05 9.94
N ALA C 79 10.67 40.78 10.84
CA ALA C 79 9.39 41.41 10.55
C ALA C 79 9.44 42.87 10.98
N TYR C 80 8.70 43.72 10.28
CA TYR C 80 8.69 45.14 10.52
C TYR C 80 7.27 45.64 10.71
N LEU C 81 7.11 46.64 11.57
CA LEU C 81 5.84 47.32 11.78
C LEU C 81 6.09 48.83 11.75
N GLN C 82 5.59 49.50 10.72
CA GLN C 82 5.75 50.94 10.56
C GLN C 82 4.49 51.63 11.04
N MET C 83 4.65 52.50 12.04
CA MET C 83 3.54 53.24 12.64
C MET C 83 3.66 54.71 12.23
N ASN C 84 2.61 55.24 11.62
CA ASN C 84 2.56 56.63 11.17
C ASN C 84 1.43 57.36 11.87
N SER C 85 1.64 58.64 12.15
CA SER C 85 0.65 59.50 12.80
C SER C 85 0.20 58.91 14.14
N LEU C 86 1.17 58.78 15.04
CA LEU C 86 0.91 58.17 16.33
C LEU C 86 0.01 59.06 17.18
N LYS C 87 -0.64 58.44 18.14
CA LYS C 87 -1.58 59.08 19.05
C LYS C 87 -1.19 58.74 20.48
N PRO C 88 -1.61 59.57 21.45
CA PRO C 88 -1.28 59.26 22.85
C PRO C 88 -1.82 57.92 23.32
N GLU C 89 -2.90 57.43 22.71
CA GLU C 89 -3.41 56.11 23.07
C GLU C 89 -2.47 54.99 22.67
N ASP C 90 -1.49 55.26 21.81
CA ASP C 90 -0.54 54.23 21.38
C ASP C 90 0.58 53.98 22.37
N THR C 91 0.70 54.81 23.41
CA THR C 91 1.74 54.63 24.42
C THR C 91 1.47 53.34 25.18
N ALA C 92 2.28 52.31 24.93
CA ALA C 92 2.07 50.99 25.51
C ALA C 92 3.30 50.15 25.21
N VAL C 93 3.27 48.88 25.63
CA VAL C 93 4.35 47.93 25.39
C VAL C 93 3.92 47.00 24.27
N TYR C 94 4.77 46.85 23.26
CA TYR C 94 4.47 46.04 22.09
C TYR C 94 5.17 44.69 22.20
N TYR C 95 4.42 43.63 21.88
CA TYR C 95 4.91 42.26 21.91
C TYR C 95 4.84 41.66 20.52
N CYS C 96 5.84 40.85 20.18
CA CYS C 96 5.92 40.16 18.90
C CYS C 96 5.69 38.68 19.12
N ALA C 97 4.85 38.06 18.29
CA ALA C 97 4.51 36.66 18.47
C ALA C 97 4.27 36.02 17.11
N ALA C 98 4.10 34.69 17.13
CA ALA C 98 3.89 33.91 15.92
C ALA C 98 2.72 32.96 16.11
N LEU C 99 2.01 32.69 15.02
CA LEU C 99 0.92 31.71 15.05
C LEU C 99 1.48 30.31 15.33
N ARG C 100 0.76 29.54 16.14
CA ARG C 100 1.28 28.26 16.60
C ARG C 100 0.88 27.09 15.70
N ARG C 101 1.05 27.27 14.39
CA ARG C 101 1.02 26.16 13.43
C ARG C 101 -0.35 25.48 13.36
N LYS C 102 -1.28 25.85 14.24
CA LYS C 102 -2.60 25.26 14.27
C LYS C 102 -3.71 26.29 14.38
N ALA C 103 -3.37 27.54 14.69
CA ALA C 103 -4.35 28.61 14.69
C ALA C 103 -4.61 29.06 13.27
N GLU C 104 -5.88 29.24 12.93
CA GLU C 104 -6.27 29.67 11.61
C GLU C 104 -5.92 31.15 11.41
N TYR C 105 -5.72 31.52 10.14
CA TYR C 105 -5.46 32.91 9.81
C TYR C 105 -6.64 33.77 10.22
N GLY C 106 -6.35 34.99 10.67
CA GLY C 106 -7.37 35.87 11.20
C GLY C 106 -7.61 35.76 12.68
N SER C 107 -6.82 34.95 13.39
CA SER C 107 -6.98 34.83 14.83
C SER C 107 -6.55 36.11 15.53
N ARG C 108 -7.34 36.53 16.52
CA ARG C 108 -7.05 37.72 17.30
C ARG C 108 -7.06 37.42 18.80
N SER C 109 -6.63 36.22 19.17
CA SER C 109 -6.67 35.77 20.55
C SER C 109 -5.25 35.48 21.06
N ILE C 110 -5.07 35.66 22.36
CA ILE C 110 -3.76 35.45 22.98
C ILE C 110 -3.36 33.98 22.88
N ALA C 111 -4.32 33.07 23.06
CA ALA C 111 -4.00 31.64 23.08
C ALA C 111 -3.54 31.12 21.73
N ASP C 112 -3.75 31.87 20.65
CA ASP C 112 -3.39 31.45 19.32
C ASP C 112 -1.96 31.80 18.92
N PHE C 113 -1.23 32.53 19.76
CA PHE C 113 0.14 32.92 19.49
C PHE C 113 1.04 32.35 20.57
N ASP C 114 2.08 31.61 20.17
CA ASP C 114 2.89 30.85 21.10
C ASP C 114 4.22 31.53 21.45
N SER C 115 5.05 31.79 20.45
CA SER C 115 6.41 32.27 20.68
C SER C 115 6.38 33.76 20.96
N TRP C 116 6.30 34.13 22.23
CA TRP C 116 6.20 35.53 22.62
C TRP C 116 7.59 36.16 22.68
N SER C 117 7.62 37.43 23.09
CA SER C 117 8.86 38.19 23.20
C SER C 117 8.79 39.10 24.42
N LYS C 118 9.93 39.71 24.73
CA LYS C 118 10.00 40.61 25.88
C LYS C 118 9.14 41.85 25.67
N GLY C 119 9.22 42.45 24.49
CA GLY C 119 8.42 43.62 24.18
C GLY C 119 9.18 44.92 24.34
N THR C 120 8.70 45.98 23.69
CA THR C 120 9.36 47.27 23.77
C THR C 120 8.35 48.35 24.16
N PRO C 121 8.77 49.32 24.98
CA PRO C 121 7.85 50.38 25.38
C PRO C 121 7.89 51.57 24.42
N VAL C 122 6.71 52.05 24.01
CA VAL C 122 6.59 53.19 23.11
C VAL C 122 5.74 54.23 23.82
N THR C 123 6.26 55.45 23.92
CA THR C 123 5.56 56.56 24.57
C THR C 123 5.33 57.68 23.57
N VAL C 124 4.09 58.18 23.52
CA VAL C 124 3.74 59.25 22.60
C VAL C 124 3.27 60.48 23.37
N ALA D 2 16.17 6.08 -8.69
CA ALA D 2 15.95 7.14 -7.71
C ALA D 2 16.15 8.51 -8.35
N GLY D 3 16.95 8.55 -9.42
CA GLY D 3 17.14 9.80 -10.13
C GLY D 3 15.87 10.27 -10.84
N ILE D 4 15.15 9.33 -11.46
CA ILE D 4 13.93 9.70 -12.17
C ILE D 4 12.85 10.16 -11.20
N LEU D 5 12.75 9.52 -10.03
CA LEU D 5 11.79 9.95 -9.02
C LEU D 5 12.14 11.34 -8.50
N ALA D 6 13.43 11.60 -8.26
CA ALA D 6 13.84 12.93 -7.82
C ALA D 6 13.61 13.98 -8.89
N TRP D 7 13.72 13.61 -10.16
CA TRP D 7 13.39 14.55 -11.23
C TRP D 7 11.89 14.82 -11.31
N PHE D 8 11.07 13.79 -11.10
CA PHE D 8 9.63 13.96 -11.17
C PHE D 8 9.11 14.84 -10.03
N TRP D 9 9.59 14.61 -8.82
CA TRP D 9 9.14 15.37 -7.66
C TRP D 9 9.97 16.62 -7.43
N ASN D 10 10.09 17.45 -8.46
CA ASN D 10 10.85 18.69 -8.33
C ASN D 10 10.12 19.65 -7.40
N GLU D 11 10.84 20.16 -6.39
CA GLU D 11 10.22 21.02 -5.40
C GLU D 11 9.93 22.42 -5.93
N ARG D 12 10.60 22.85 -6.98
CA ARG D 12 10.32 24.14 -7.58
C ARG D 12 9.14 24.09 -8.54
N PHE D 13 8.60 22.90 -8.82
CA PHE D 13 7.46 22.72 -9.69
C PHE D 13 6.15 22.63 -8.92
N TRP D 14 6.09 21.79 -7.88
CA TRP D 14 4.84 21.57 -7.16
C TRP D 14 4.58 22.67 -6.15
N LEU D 15 5.46 22.81 -5.17
CA LEU D 15 5.26 23.76 -4.07
C LEU D 15 5.47 25.19 -4.54
N PRO D 16 4.91 26.17 -3.80
CA PRO D 16 5.16 27.58 -4.14
C PRO D 16 6.63 27.96 -3.97
N HIS D 17 6.97 29.21 -4.26
CA HIS D 17 8.35 29.65 -4.19
C HIS D 17 8.87 29.61 -2.75
N ASN D 18 10.14 29.22 -2.61
CA ASN D 18 10.88 29.15 -1.35
C ASN D 18 10.32 28.11 -0.38
N VAL D 19 9.49 27.18 -0.86
CA VAL D 19 8.97 26.10 -0.03
C VAL D 19 9.56 24.79 -0.53
N THR D 20 10.12 24.01 0.39
CA THR D 20 10.76 22.74 0.07
C THR D 20 10.04 21.60 0.78
N TRP D 21 10.24 20.39 0.26
CA TRP D 21 9.61 19.22 0.87
C TRP D 21 10.11 19.00 2.29
N ALA D 22 11.36 19.39 2.58
CA ALA D 22 11.93 19.21 3.90
C ALA D 22 11.15 19.98 4.96
N ASP D 23 10.44 21.05 4.58
CA ASP D 23 9.63 21.79 5.53
C ASP D 23 8.30 21.12 5.82
N LEU D 24 7.91 20.12 5.04
CA LEU D 24 6.63 19.45 5.22
C LEU D 24 6.77 18.08 5.87
N LYS D 25 7.94 17.77 6.41
CA LYS D 25 8.15 16.50 7.08
C LYS D 25 7.40 16.46 8.40
N ASN D 26 6.95 15.27 8.78
CA ASN D 26 6.21 15.10 10.02
C ASN D 26 7.12 15.29 11.22
N THR D 27 6.69 16.12 12.17
CA THR D 27 7.41 16.30 13.43
C THR D 27 6.43 16.14 14.58
N GLU D 28 6.88 16.47 15.79
CA GLU D 28 5.99 16.44 16.95
C GLU D 28 5.07 17.65 17.03
N GLU D 29 5.33 18.69 16.25
CA GLU D 29 4.50 19.89 16.29
C GLU D 29 3.23 19.71 15.46
N ALA D 30 3.35 19.16 14.26
CA ALA D 30 2.19 18.95 13.40
C ALA D 30 2.52 17.86 12.39
N THR D 31 1.47 17.27 11.83
CA THR D 31 1.58 16.23 10.82
C THR D 31 1.03 16.74 9.50
N PHE D 32 1.68 16.35 8.41
CA PHE D 32 1.31 16.77 7.07
C PHE D 32 1.08 15.56 6.20
N PRO D 33 0.24 15.68 5.17
CA PRO D 33 -0.02 14.54 4.29
C PRO D 33 1.25 14.07 3.60
N GLN D 34 1.39 12.76 3.50
CA GLN D 34 2.55 12.13 2.88
C GLN D 34 2.08 11.17 1.80
N ALA D 35 2.91 11.02 0.76
CA ALA D 35 2.56 10.14 -0.34
C ALA D 35 2.41 8.70 0.10
N GLU D 36 3.25 8.25 1.04
CA GLU D 36 3.19 6.87 1.52
CA GLU D 36 3.19 6.87 1.52
C GLU D 36 1.83 6.53 2.11
N ASP D 37 1.15 7.48 2.73
CA ASP D 37 -0.18 7.24 3.28
C ASP D 37 -1.18 6.82 2.23
N LEU D 38 -0.91 7.09 0.96
CA LEU D 38 -1.79 6.65 -0.12
C LEU D 38 -1.64 5.16 -0.42
N TYR D 39 -0.52 4.54 -0.06
CA TYR D 39 -0.35 3.10 -0.29
C TYR D 39 -1.44 2.31 0.43
N LEU D 40 -1.83 2.74 1.61
CA LEU D 40 -2.90 2.10 2.37
C LEU D 40 -4.22 2.08 1.61
N ALA D 41 -4.39 2.95 0.62
CA ALA D 41 -5.60 2.93 -0.20
C ALA D 41 -5.72 1.67 -1.04
N PHE D 42 -4.61 0.97 -1.29
CA PHE D 42 -4.65 -0.19 -2.16
C PHE D 42 -5.15 -1.46 -1.46
N PRO D 43 -4.67 -1.81 -0.25
CA PRO D 43 -5.27 -2.95 0.45
C PRO D 43 -6.73 -2.73 0.78
N LEU D 44 -7.07 -1.59 1.38
CA LEU D 44 -8.46 -1.31 1.74
C LEU D 44 -9.38 -1.41 0.53
N ALA D 45 -8.94 -0.89 -0.62
CA ALA D 45 -9.73 -1.03 -1.85
C ALA D 45 -10.08 -2.49 -2.09
N PHE D 46 -9.08 -3.37 -2.03
CA PHE D 46 -9.35 -4.80 -2.21
C PHE D 46 -10.37 -5.27 -1.18
N CYS D 47 -10.18 -4.88 0.08
CA CYS D 47 -11.15 -5.23 1.10
C CYS D 47 -12.54 -4.75 0.72
N ILE D 48 -12.64 -3.50 0.25
CA ILE D 48 -13.93 -2.98 -0.18
C ILE D 48 -14.51 -3.90 -1.26
N PHE D 49 -13.69 -4.27 -2.24
CA PHE D 49 -14.16 -5.18 -3.28
C PHE D 49 -14.72 -6.45 -2.66
N MET D 50 -13.98 -7.04 -1.71
CA MET D 50 -14.49 -8.23 -1.04
C MET D 50 -15.87 -7.98 -0.45
N VAL D 51 -16.01 -6.88 0.30
CA VAL D 51 -17.31 -6.58 0.91
C VAL D 51 -18.37 -6.46 -0.16
N ARG D 52 -18.03 -5.84 -1.30
CA ARG D 52 -19.00 -5.70 -2.38
C ARG D 52 -19.59 -7.04 -2.75
N LEU D 53 -18.74 -8.05 -2.89
CA LEU D 53 -19.24 -9.37 -3.26
C LEU D 53 -20.27 -9.87 -2.25
N ILE D 54 -19.95 -9.72 -0.96
CA ILE D 54 -20.90 -10.12 0.07
C ILE D 54 -22.20 -9.35 -0.09
N PHE D 55 -22.12 -8.05 -0.36
CA PHE D 55 -23.32 -7.25 -0.54
C PHE D 55 -24.12 -7.73 -1.74
N GLU D 56 -23.43 -8.23 -2.77
CA GLU D 56 -24.15 -8.73 -3.94
C GLU D 56 -24.58 -10.17 -3.76
N ARG D 57 -24.12 -10.82 -2.68
CA ARG D 57 -24.46 -12.23 -2.48
C ARG D 57 -25.62 -12.41 -1.51
N PHE D 58 -25.54 -11.77 -0.34
CA PHE D 58 -26.47 -12.07 0.75
C PHE D 58 -27.46 -10.96 1.06
N VAL D 59 -27.29 -9.76 0.50
CA VAL D 59 -28.13 -8.62 0.83
C VAL D 59 -28.91 -8.13 -0.39
N ALA D 60 -28.21 -7.74 -1.46
CA ALA D 60 -28.89 -7.18 -2.62
C ALA D 60 -29.67 -8.25 -3.39
N LYS D 61 -29.11 -9.45 -3.50
CA LYS D 61 -29.78 -10.49 -4.28
C LYS D 61 -31.12 -10.91 -3.69
N PRO D 62 -31.25 -11.18 -2.38
CA PRO D 62 -32.59 -11.50 -1.86
C PRO D 62 -33.58 -10.35 -2.02
N CYS D 63 -33.13 -9.11 -1.89
CA CYS D 63 -34.01 -7.97 -2.11
C CYS D 63 -34.48 -7.91 -3.55
N ALA D 64 -33.59 -8.17 -4.51
CA ALA D 64 -33.98 -8.20 -5.91
C ALA D 64 -34.96 -9.34 -6.18
N ILE D 65 -34.73 -10.51 -5.59
CA ILE D 65 -35.63 -11.64 -5.78
C ILE D 65 -37.00 -11.33 -5.22
N ALA D 66 -37.06 -10.74 -4.02
CA ALA D 66 -38.35 -10.37 -3.44
C ALA D 66 -39.02 -9.24 -4.19
N LEU D 67 -38.30 -8.56 -5.08
CA LEU D 67 -38.85 -7.48 -5.88
C LEU D 67 -39.35 -7.97 -7.24
N ASN D 68 -39.41 -9.28 -7.44
CA ASN D 68 -39.84 -9.88 -8.71
C ASN D 68 -38.97 -9.46 -9.87
N ILE D 69 -37.66 -9.37 -9.64
CA ILE D 69 -36.71 -9.12 -10.73
C ILE D 69 -36.26 -10.46 -11.28
N GLN D 70 -36.38 -10.63 -12.60
CA GLN D 70 -36.02 -11.89 -13.24
C GLN D 70 -34.51 -12.12 -13.14
N ALA D 71 -34.13 -13.30 -12.65
CA ALA D 71 -32.71 -13.63 -12.48
C ALA D 71 -32.07 -14.18 -13.73
N ASN D 72 -32.85 -14.47 -14.77
CA ASN D 72 -32.30 -15.00 -16.02
C ASN D 72 -31.79 -13.86 -16.88
N GLY D 73 -31.27 -14.21 -18.06
CA GLY D 73 -30.77 -13.24 -18.99
C GLY D 73 -31.87 -12.54 -19.75
N PRO D 74 -31.49 -11.53 -20.53
CA PRO D 74 -32.47 -10.81 -21.33
C PRO D 74 -33.08 -11.67 -22.42
N GLN D 75 -34.28 -11.29 -22.83
CA GLN D 75 -34.98 -12.03 -23.89
C GLN D 75 -34.17 -12.00 -25.18
N ILE D 76 -34.16 -13.13 -25.88
CA ILE D 76 -33.36 -13.28 -27.09
C ILE D 76 -34.08 -12.59 -28.25
N ALA D 77 -33.35 -11.73 -28.96
CA ALA D 77 -33.91 -11.07 -30.13
C ALA D 77 -34.16 -12.09 -31.25
N PRO D 78 -35.20 -11.89 -32.05
CA PRO D 78 -35.48 -12.81 -33.15
C PRO D 78 -34.33 -12.85 -34.15
N PRO D 79 -34.04 -14.01 -34.71
CA PRO D 79 -32.92 -14.11 -35.65
C PRO D 79 -33.18 -13.33 -36.93
N ASN D 80 -32.13 -12.68 -37.44
CA ASN D 80 -32.21 -11.94 -38.70
C ASN D 80 -30.80 -11.72 -39.19
N ALA D 81 -30.48 -12.31 -40.36
CA ALA D 81 -29.11 -12.22 -40.88
C ALA D 81 -28.74 -10.77 -41.19
N ILE D 82 -29.64 -10.04 -41.85
CA ILE D 82 -29.36 -8.65 -42.20
C ILE D 82 -29.22 -7.79 -40.95
N LEU D 83 -30.14 -7.96 -39.99
CA LEU D 83 -30.07 -7.18 -38.76
C LEU D 83 -28.81 -7.51 -37.96
N GLU D 84 -28.46 -8.79 -37.88
CA GLU D 84 -27.25 -9.17 -37.16
C GLU D 84 -26.01 -8.60 -37.83
N LYS D 85 -25.95 -8.66 -39.16
CA LYS D 85 -24.81 -8.11 -39.88
C LYS D 85 -24.70 -6.60 -39.67
N VAL D 86 -25.83 -5.89 -39.70
CA VAL D 86 -25.83 -4.45 -39.46
C VAL D 86 -25.36 -4.14 -38.05
N PHE D 87 -25.87 -4.90 -37.06
CA PHE D 87 -25.49 -4.66 -35.68
C PHE D 87 -24.01 -4.91 -35.44
N THR D 88 -23.46 -5.97 -36.04
CA THR D 88 -22.05 -6.31 -35.82
C THR D 88 -21.13 -5.38 -36.58
N ALA D 89 -21.52 -4.97 -37.79
CA ALA D 89 -20.63 -4.22 -38.68
C ALA D 89 -20.99 -2.74 -38.78
N ILE D 90 -22.24 -2.42 -39.12
CA ILE D 90 -22.61 -1.04 -39.42
C ILE D 90 -22.57 -0.19 -38.16
N THR D 91 -23.42 -0.52 -37.19
CA THR D 91 -23.52 0.25 -35.94
C THR D 91 -24.41 -0.49 -34.97
N LYS D 92 -24.37 -0.07 -33.71
CA LYS D 92 -25.24 -0.60 -32.68
C LYS D 92 -26.41 0.31 -32.36
N HIS D 93 -26.34 1.59 -32.74
CA HIS D 93 -27.42 2.55 -32.51
C HIS D 93 -27.69 3.27 -33.84
N PRO D 94 -28.45 2.65 -34.73
CA PRO D 94 -28.70 3.26 -36.03
C PRO D 94 -29.52 4.54 -35.91
N ASP D 95 -29.27 5.46 -36.84
CA ASP D 95 -29.98 6.74 -36.88
C ASP D 95 -31.33 6.57 -37.57
N GLU D 96 -32.03 7.70 -37.75
CA GLU D 96 -33.33 7.66 -38.40
C GLU D 96 -33.23 7.22 -39.85
N LYS D 97 -32.23 7.73 -40.57
CA LYS D 97 -32.05 7.32 -41.97
C LYS D 97 -31.70 5.85 -42.08
N ARG D 98 -30.80 5.36 -41.21
CA ARG D 98 -30.44 3.95 -41.23
C ARG D 98 -31.64 3.07 -40.87
N LEU D 99 -32.42 3.50 -39.88
CA LEU D 99 -33.61 2.74 -39.51
C LEU D 99 -34.62 2.69 -40.66
N GLU D 100 -34.82 3.82 -41.35
CA GLU D 100 -35.73 3.83 -42.49
C GLU D 100 -35.22 2.93 -43.61
N GLY D 101 -33.92 2.96 -43.87
CA GLY D 101 -33.36 2.09 -44.90
C GLY D 101 -33.52 0.61 -44.56
N LEU D 102 -33.26 0.25 -43.31
CA LEU D 102 -33.44 -1.14 -42.89
C LEU D 102 -34.90 -1.56 -42.97
N SER D 103 -35.81 -0.66 -42.57
CA SER D 103 -37.24 -0.97 -42.66
C SER D 103 -37.67 -1.18 -44.11
N LYS D 104 -37.18 -0.33 -45.02
CA LYS D 104 -37.51 -0.50 -46.43
C LYS D 104 -36.93 -1.79 -46.99
N GLN D 105 -35.70 -2.13 -46.59
CA GLN D 105 -35.06 -3.34 -47.11
C GLN D 105 -35.75 -4.60 -46.61
N LEU D 106 -36.10 -4.65 -45.33
CA LEU D 106 -36.69 -5.84 -44.74
C LEU D 106 -38.22 -5.81 -44.73
N ASP D 107 -38.84 -4.75 -45.22
CA ASP D 107 -40.30 -4.62 -45.25
C ASP D 107 -40.90 -4.82 -43.86
N TRP D 108 -40.26 -4.23 -42.85
CA TRP D 108 -40.69 -4.35 -41.46
C TRP D 108 -40.84 -2.97 -40.86
N ASP D 109 -41.65 -2.89 -39.81
CA ASP D 109 -41.89 -1.62 -39.13
C ASP D 109 -40.62 -1.14 -38.42
N VAL D 110 -40.49 0.18 -38.31
CA VAL D 110 -39.34 0.77 -37.62
C VAL D 110 -39.35 0.40 -36.14
N ARG D 111 -40.55 0.29 -35.56
CA ARG D 111 -40.66 -0.09 -34.16
C ARG D 111 -40.09 -1.49 -33.92
N SER D 112 -40.35 -2.42 -34.84
CA SER D 112 -39.80 -3.76 -34.70
C SER D 112 -38.27 -3.75 -34.75
N ILE D 113 -37.70 -2.95 -35.66
CA ILE D 113 -36.25 -2.85 -35.76
C ILE D 113 -35.67 -2.24 -34.48
N GLN D 114 -36.31 -1.21 -33.95
CA GLN D 114 -35.84 -0.60 -32.70
C GLN D 114 -35.91 -1.58 -31.55
N ARG D 115 -36.99 -2.36 -31.48
CA ARG D 115 -37.12 -3.36 -30.43
C ARG D 115 -36.03 -4.43 -30.56
N TRP D 116 -35.74 -4.86 -31.79
CA TRP D 116 -34.69 -5.85 -32.00
C TRP D 116 -33.33 -5.30 -31.58
N PHE D 117 -33.05 -4.05 -31.93
CA PHE D 117 -31.78 -3.44 -31.54
C PHE D 117 -31.66 -3.31 -30.02
N ARG D 118 -32.76 -2.91 -29.37
CA ARG D 118 -32.75 -2.82 -27.91
C ARG D 118 -32.53 -4.19 -27.28
N GLN D 119 -33.18 -5.22 -27.82
CA GLN D 119 -32.99 -6.57 -27.30
C GLN D 119 -31.55 -7.03 -27.48
N ARG D 120 -30.95 -6.74 -28.63
CA ARG D 120 -29.56 -7.12 -28.86
C ARG D 120 -28.62 -6.39 -27.89
N ARG D 121 -28.88 -5.09 -27.67
CA ARG D 121 -28.06 -4.33 -26.73
C ARG D 121 -28.19 -4.88 -25.32
N ASN D 122 -29.41 -5.24 -24.92
CA ASN D 122 -29.61 -5.85 -23.60
C ASN D 122 -28.91 -7.20 -23.50
N GLN D 123 -28.93 -7.99 -24.58
CA GLN D 123 -28.24 -9.26 -24.58
C GLN D 123 -26.74 -9.08 -24.41
N GLU D 124 -26.16 -8.08 -25.08
CA GLU D 124 -24.75 -7.79 -24.87
C GLU D 124 -24.48 -7.32 -23.45
N LYS D 125 -25.37 -6.49 -22.90
CA LYS D 125 -25.22 -6.01 -21.54
C LYS D 125 -25.47 -7.13 -20.54
N PRO D 126 -24.93 -7.01 -19.33
CA PRO D 126 -25.18 -8.03 -18.30
C PRO D 126 -26.64 -8.09 -17.89
N SER D 127 -26.95 -9.06 -17.04
CA SER D 127 -28.32 -9.29 -16.61
C SER D 127 -28.80 -8.15 -15.73
N THR D 128 -30.13 -8.04 -15.63
CA THR D 128 -30.74 -6.94 -14.88
C THR D 128 -30.45 -7.05 -13.39
N LEU D 129 -30.47 -8.26 -12.83
CA LEU D 129 -30.31 -8.42 -11.39
C LEU D 129 -28.92 -7.98 -10.93
N THR D 130 -27.88 -8.33 -11.70
CA THR D 130 -26.53 -7.91 -11.34
C THR D 130 -26.38 -6.40 -11.37
N ARG D 131 -26.98 -5.76 -12.40
CA ARG D 131 -26.94 -4.30 -12.46
C ARG D 131 -27.70 -3.68 -11.29
N PHE D 132 -28.82 -4.29 -10.90
CA PHE D 132 -29.56 -3.80 -9.73
C PHE D 132 -28.72 -3.89 -8.47
N CYS D 133 -28.02 -5.01 -8.28
CA CYS D 133 -27.17 -5.16 -7.10
C CYS D 133 -26.03 -4.14 -7.10
N GLU D 134 -25.40 -3.94 -8.26
CA GLU D 134 -24.31 -2.97 -8.35
C GLU D 134 -24.81 -1.56 -8.07
N SER D 135 -25.99 -1.22 -8.59
CA SER D 135 -26.57 0.09 -8.33
C SER D 135 -26.90 0.26 -6.85
N MET D 136 -27.40 -0.79 -6.21
CA MET D 136 -27.69 -0.72 -4.78
C MET D 136 -26.43 -0.47 -3.97
N TRP D 137 -25.35 -1.17 -4.33
CA TRP D 137 -24.07 -0.96 -3.63
C TRP D 137 -23.57 0.47 -3.83
N ARG D 138 -23.62 0.97 -5.07
CA ARG D 138 -23.17 2.32 -5.34
C ARG D 138 -24.02 3.34 -4.58
N PHE D 139 -25.33 3.13 -4.56
CA PHE D 139 -26.22 4.04 -3.83
C PHE D 139 -25.88 4.09 -2.35
N SER D 140 -25.68 2.91 -1.73
CA SER D 140 -25.35 2.89 -0.31
C SER D 140 -24.04 3.63 -0.05
N PHE D 141 -23.00 3.34 -0.83
CA PHE D 141 -21.72 3.99 -0.59
C PHE D 141 -21.80 5.49 -0.80
N TYR D 142 -22.47 5.93 -1.87
CA TYR D 142 -22.54 7.37 -2.14
C TYR D 142 -23.35 8.10 -1.08
N LEU D 143 -24.44 7.49 -0.60
CA LEU D 143 -25.21 8.10 0.47
C LEU D 143 -24.34 8.27 1.72
N TYR D 144 -23.61 7.21 2.10
CA TYR D 144 -22.77 7.32 3.29
C TYR D 144 -21.70 8.38 3.13
N VAL D 145 -21.06 8.42 1.95
CA VAL D 145 -19.96 9.37 1.73
C VAL D 145 -20.47 10.79 1.73
N PHE D 146 -21.62 11.04 1.08
CA PHE D 146 -22.17 12.40 1.08
C PHE D 146 -22.56 12.83 2.49
N THR D 147 -23.17 11.94 3.26
CA THR D 147 -23.52 12.29 4.64
C THR D 147 -22.28 12.62 5.46
N TYR D 148 -21.24 11.79 5.35
CA TYR D 148 -20.02 12.06 6.09
C TYR D 148 -19.38 13.37 5.66
N GLY D 149 -19.37 13.64 4.36
CA GLY D 149 -18.78 14.88 3.87
C GLY D 149 -19.52 16.11 4.36
N VAL D 150 -20.85 16.05 4.35
CA VAL D 150 -21.63 17.17 4.88
C VAL D 150 -21.37 17.37 6.36
N ARG D 151 -21.36 16.28 7.13
CA ARG D 151 -21.12 16.40 8.56
C ARG D 151 -19.74 16.96 8.86
N PHE D 152 -18.74 16.55 8.08
CA PHE D 152 -17.37 17.04 8.29
C PHE D 152 -17.22 18.50 7.88
N LEU D 153 -17.78 18.89 6.72
CA LEU D 153 -17.61 20.26 6.24
C LEU D 153 -18.50 21.24 6.98
N LYS D 154 -19.50 20.76 7.73
CA LYS D 154 -20.36 21.67 8.47
C LYS D 154 -19.59 22.50 9.51
N LYS D 155 -18.48 21.99 10.03
CA LYS D 155 -17.75 22.67 11.09
C LYS D 155 -16.43 23.29 10.62
N THR D 156 -15.96 22.97 9.42
CA THR D 156 -14.70 23.49 8.95
C THR D 156 -14.80 24.99 8.67
N PRO D 157 -13.70 25.74 8.85
CA PRO D 157 -13.76 27.19 8.62
C PRO D 157 -13.69 27.60 7.16
N TRP D 158 -13.20 26.74 6.27
CA TRP D 158 -13.01 27.12 4.88
C TRP D 158 -14.23 26.86 4.01
N LEU D 159 -15.27 26.22 4.54
CA LEU D 159 -16.50 26.06 3.77
C LEU D 159 -17.19 27.40 3.55
N TRP D 160 -17.33 28.19 4.62
CA TRP D 160 -18.02 29.47 4.52
C TRP D 160 -17.15 30.55 3.88
N ASN D 161 -15.84 30.49 4.09
CA ASN D 161 -14.89 31.46 3.52
C ASN D 161 -13.81 30.66 2.80
N THR D 162 -13.93 30.53 1.49
CA THR D 162 -13.00 29.69 0.72
C THR D 162 -11.58 30.24 0.73
N ARG D 163 -11.39 31.52 1.04
CA ARG D 163 -10.04 32.07 1.11
C ARG D 163 -9.20 31.42 2.18
N HIS D 164 -9.81 30.73 3.14
CA HIS D 164 -9.08 29.99 4.14
C HIS D 164 -8.44 28.72 3.59
N CYS D 165 -8.71 28.38 2.33
CA CYS D 165 -8.01 27.26 1.71
C CYS D 165 -6.56 27.62 1.40
N TRP D 166 -6.26 28.91 1.23
CA TRP D 166 -4.97 29.34 0.71
C TRP D 166 -4.18 30.26 1.64
N TYR D 167 -4.75 30.65 2.77
CA TYR D 167 -4.07 31.62 3.63
C TYR D 167 -2.77 31.07 4.19
N ASN D 168 -2.81 29.85 4.73
CA ASN D 168 -1.64 29.22 5.32
C ASN D 168 -1.08 28.09 4.47
N TYR D 169 -1.50 27.99 3.22
CA TYR D 169 -1.00 26.94 2.34
C TYR D 169 0.49 27.13 2.10
N PRO D 170 1.30 26.05 2.16
CA PRO D 170 0.95 24.65 2.40
C PRO D 170 1.04 24.22 3.86
N TYR D 171 1.32 25.14 4.79
CA TYR D 171 1.56 24.79 6.19
C TYR D 171 0.24 24.64 6.94
N GLN D 172 -0.56 23.69 6.47
CA GLN D 172 -1.86 23.37 7.07
C GLN D 172 -1.81 21.94 7.59
N PRO D 173 -1.92 21.71 8.90
CA PRO D 173 -1.77 20.35 9.42
C PRO D 173 -2.88 19.42 8.94
N LEU D 174 -2.55 18.14 8.87
CA LEU D 174 -3.49 17.11 8.47
C LEU D 174 -4.19 16.57 9.71
N THR D 175 -5.52 16.47 9.64
CA THR D 175 -6.32 15.93 10.72
C THR D 175 -6.77 14.51 10.37
N THR D 176 -7.36 13.85 11.37
CA THR D 176 -7.86 12.48 11.15
C THR D 176 -9.01 12.47 10.16
N ASP D 177 -9.89 13.46 10.21
CA ASP D 177 -11.05 13.48 9.33
C ASP D 177 -10.64 13.65 7.87
N LEU D 178 -9.69 14.54 7.58
CA LEU D 178 -9.23 14.71 6.20
C LEU D 178 -8.59 13.44 5.69
N HIS D 179 -7.74 12.81 6.51
CA HIS D 179 -7.09 11.57 6.11
C HIS D 179 -8.11 10.48 5.82
N TYR D 180 -9.10 10.32 6.71
CA TYR D 180 -10.12 9.31 6.51
C TYR D 180 -10.94 9.57 5.26
N TYR D 181 -11.33 10.83 5.03
CA TYR D 181 -12.12 11.18 3.85
C TYR D 181 -11.36 10.87 2.57
N TYR D 182 -10.10 11.31 2.48
CA TYR D 182 -9.33 11.10 1.28
C TYR D 182 -9.05 9.62 1.05
N ILE D 183 -8.72 8.87 2.11
CA ILE D 183 -8.44 7.45 1.95
C ILE D 183 -9.68 6.71 1.51
N LEU D 184 -10.84 7.04 2.09
CA LEU D 184 -12.09 6.38 1.71
C LEU D 184 -12.41 6.63 0.24
N GLU D 185 -12.31 7.89 -0.21
CA GLU D 185 -12.61 8.20 -1.60
C GLU D 185 -11.67 7.48 -2.55
N LEU D 186 -10.36 7.54 -2.27
CA LEU D 186 -9.40 6.91 -3.17
C LEU D 186 -9.58 5.40 -3.17
N SER D 187 -9.92 4.81 -2.02
CA SER D 187 -10.17 3.38 -1.96
C SER D 187 -11.37 3.00 -2.81
N PHE D 188 -12.44 3.80 -2.75
CA PHE D 188 -13.60 3.50 -3.60
C PHE D 188 -13.25 3.58 -5.07
N TYR D 189 -12.48 4.59 -5.47
CA TYR D 189 -12.14 4.71 -6.88
C TYR D 189 -11.24 3.57 -7.34
N TRP D 190 -10.30 3.14 -6.49
CA TRP D 190 -9.49 1.98 -6.84
C TRP D 190 -10.31 0.70 -6.90
N SER D 191 -11.33 0.58 -6.03
CA SER D 191 -12.24 -0.55 -6.11
C SER D 191 -12.99 -0.56 -7.44
N LEU D 192 -13.44 0.62 -7.89
CA LEU D 192 -14.08 0.70 -9.20
C LEU D 192 -13.13 0.31 -10.32
N MET D 193 -11.88 0.75 -10.23
CA MET D 193 -10.89 0.37 -11.23
C MET D 193 -10.65 -1.14 -11.25
N PHE D 194 -10.60 -1.76 -10.08
CA PHE D 194 -10.47 -3.21 -10.00
C PHE D 194 -11.66 -3.90 -10.65
N SER D 195 -12.88 -3.46 -10.31
CA SER D 195 -14.08 -4.07 -10.88
C SER D 195 -14.15 -3.86 -12.39
N GLN D 196 -13.55 -2.80 -12.91
CA GLN D 196 -13.53 -2.53 -14.34
C GLN D 196 -12.47 -3.32 -15.10
N PHE D 197 -11.29 -3.49 -14.52
CA PHE D 197 -10.19 -4.11 -15.26
C PHE D 197 -10.30 -5.64 -15.25
N THR D 198 -10.30 -6.25 -14.08
CA THR D 198 -10.15 -7.69 -13.96
C THR D 198 -11.44 -8.45 -13.80
N ASP D 199 -12.47 -7.86 -13.19
CA ASP D 199 -13.69 -8.61 -12.91
C ASP D 199 -14.34 -9.11 -14.19
N ILE D 200 -14.49 -8.23 -15.19
CA ILE D 200 -14.97 -8.60 -16.51
C ILE D 200 -14.35 -7.65 -17.51
N LYS D 201 -13.52 -8.18 -18.41
CA LYS D 201 -12.84 -7.36 -19.39
C LYS D 201 -13.65 -7.20 -20.67
N ARG D 202 -14.89 -7.69 -20.68
CA ARG D 202 -15.82 -7.47 -21.78
C ARG D 202 -16.55 -6.15 -21.65
N LYS D 203 -16.20 -5.34 -20.66
CA LYS D 203 -16.83 -4.04 -20.46
C LYS D 203 -16.25 -3.04 -21.46
N ASP D 204 -16.66 -1.79 -21.36
CA ASP D 204 -16.28 -0.75 -22.32
C ASP D 204 -15.41 0.30 -21.66
N PHE D 205 -14.36 0.71 -22.37
CA PHE D 205 -13.49 1.80 -21.95
C PHE D 205 -13.90 3.03 -22.76
N GLY D 206 -14.57 3.97 -22.10
CA GLY D 206 -15.10 5.15 -22.78
C GLY D 206 -14.85 6.41 -21.98
N ILE D 207 -15.84 7.30 -21.97
CA ILE D 207 -15.68 8.58 -21.26
C ILE D 207 -15.63 8.36 -19.76
N MET D 208 -16.41 7.40 -19.25
CA MET D 208 -16.41 7.13 -17.82
C MET D 208 -15.05 6.69 -17.32
N PHE D 209 -14.34 5.87 -18.10
CA PHE D 209 -13.00 5.45 -17.71
C PHE D 209 -12.05 6.65 -17.63
N LEU D 210 -12.13 7.55 -18.60
CA LEU D 210 -11.30 8.76 -18.55
C LEU D 210 -11.64 9.62 -17.34
N HIS D 211 -12.94 9.75 -17.03
CA HIS D 211 -13.35 10.53 -15.88
C HIS D 211 -12.83 9.92 -14.58
N HIS D 212 -12.87 8.59 -14.47
CA HIS D 212 -12.34 7.92 -13.30
C HIS D 212 -10.83 8.12 -13.19
N LEU D 213 -10.11 8.05 -14.31
CA LEU D 213 -8.67 8.30 -14.27
C LEU D 213 -8.37 9.72 -13.80
N VAL D 214 -9.12 10.69 -14.32
CA VAL D 214 -8.91 12.08 -13.92
C VAL D 214 -9.19 12.26 -12.43
N SER D 215 -10.27 11.64 -11.93
CA SER D 215 -10.60 11.75 -10.52
C SER D 215 -9.51 11.16 -9.65
N ILE D 216 -8.99 9.98 -10.02
CA ILE D 216 -7.94 9.35 -9.23
C ILE D 216 -6.68 10.21 -9.23
N PHE D 217 -6.31 10.74 -10.40
CA PHE D 217 -5.13 11.59 -10.48
C PHE D 217 -5.29 12.84 -9.61
N LEU D 218 -6.46 13.48 -9.67
CA LEU D 218 -6.69 14.68 -8.89
C LEU D 218 -6.61 14.38 -7.39
N ILE D 219 -7.28 13.32 -6.94
CA ILE D 219 -7.26 12.99 -5.52
C ILE D 219 -5.84 12.72 -5.06
N THR D 220 -5.11 11.89 -5.81
CA THR D 220 -3.75 11.53 -5.40
C THR D 220 -2.85 12.75 -5.32
N PHE D 221 -2.80 13.55 -6.39
CA PHE D 221 -1.85 14.65 -6.45
C PHE D 221 -2.32 15.90 -5.74
N SER D 222 -3.56 15.93 -5.25
CA SER D 222 -3.95 16.99 -4.32
C SER D 222 -3.70 16.58 -2.88
N TYR D 223 -3.77 15.28 -2.56
CA TYR D 223 -3.36 14.85 -1.23
C TYR D 223 -1.85 14.98 -1.05
N VAL D 224 -1.08 14.62 -2.07
CA VAL D 224 0.38 14.71 -1.96
C VAL D 224 0.82 16.16 -1.79
N ASN D 225 0.22 17.07 -2.56
CA ASN D 225 0.60 18.47 -2.57
C ASN D 225 -0.04 19.28 -1.45
N ASN D 226 -0.81 18.64 -0.57
CA ASN D 226 -1.49 19.28 0.56
C ASN D 226 -2.56 20.27 0.12
N MET D 227 -3.17 20.06 -1.05
CA MET D 227 -4.33 20.84 -1.48
C MET D 227 -5.62 20.10 -1.14
N ALA D 228 -5.78 19.77 0.14
CA ALA D 228 -6.90 18.96 0.57
C ALA D 228 -8.13 19.78 0.96
N ARG D 229 -7.93 21.04 1.36
CA ARG D 229 -9.06 21.85 1.80
C ARG D 229 -10.05 22.13 0.67
N VAL D 230 -9.55 22.44 -0.52
CA VAL D 230 -10.42 22.60 -1.67
C VAL D 230 -10.82 21.25 -2.25
N GLY D 231 -9.99 20.23 -2.07
CA GLY D 231 -10.35 18.90 -2.53
C GLY D 231 -11.59 18.36 -1.85
N THR D 232 -11.74 18.62 -0.55
CA THR D 232 -12.94 18.17 0.15
C THR D 232 -14.18 18.87 -0.37
N LEU D 233 -14.09 20.17 -0.67
CA LEU D 233 -15.22 20.88 -1.25
C LEU D 233 -15.61 20.27 -2.59
N VAL D 234 -14.62 20.00 -3.45
CA VAL D 234 -14.93 19.40 -4.75
C VAL D 234 -15.54 18.02 -4.57
N LEU D 235 -15.00 17.21 -3.65
CA LEU D 235 -15.52 15.86 -3.44
C LEU D 235 -16.96 15.88 -2.97
N CYS D 236 -17.28 16.73 -1.99
CA CYS D 236 -18.65 16.81 -1.50
C CYS D 236 -19.60 17.31 -2.59
N LEU D 237 -19.18 18.33 -3.33
CA LEU D 237 -20.02 18.88 -4.39
C LEU D 237 -20.32 17.83 -5.45
N HIS D 238 -19.31 17.04 -5.84
CA HIS D 238 -19.52 16.03 -6.87
C HIS D 238 -20.26 14.80 -6.36
N ASP D 239 -20.12 14.44 -5.08
CA ASP D 239 -20.86 13.33 -4.53
C ASP D 239 -22.28 13.70 -4.10
N SER D 240 -22.63 14.98 -4.14
CA SER D 240 -24.00 15.37 -3.81
C SER D 240 -25.01 14.77 -4.78
N ALA D 241 -24.69 14.78 -6.08
CA ALA D 241 -25.63 14.38 -7.11
C ALA D 241 -25.55 12.90 -7.48
N ASP D 242 -24.59 12.15 -6.95
CA ASP D 242 -24.45 10.74 -7.31
C ASP D 242 -25.27 9.81 -6.44
N ALA D 243 -25.92 10.31 -5.38
CA ALA D 243 -26.78 9.49 -4.55
C ALA D 243 -28.19 9.34 -5.11
N LEU D 244 -28.57 10.17 -6.07
CA LEU D 244 -29.89 10.08 -6.70
C LEU D 244 -29.87 9.30 -8.00
N LEU D 245 -28.75 9.31 -8.72
CA LEU D 245 -28.67 8.56 -9.97
C LEU D 245 -28.83 7.07 -9.73
N GLU D 246 -28.19 6.54 -8.68
CA GLU D 246 -28.31 5.12 -8.40
C GLU D 246 -29.72 4.76 -7.94
N ALA D 247 -30.37 5.65 -7.18
CA ALA D 247 -31.76 5.41 -6.80
C ALA D 247 -32.67 5.40 -8.03
N ALA D 248 -32.43 6.31 -8.98
CA ALA D 248 -33.20 6.31 -10.21
C ALA D 248 -32.97 5.03 -11.00
N LYS D 249 -31.73 4.56 -11.06
CA LYS D 249 -31.44 3.31 -11.76
C LYS D 249 -32.15 2.14 -11.09
N MET D 250 -32.13 2.09 -9.76
CA MET D 250 -32.81 1.01 -9.05
C MET D 250 -34.32 1.04 -9.31
N ALA D 251 -34.91 2.24 -9.32
CA ALA D 251 -36.32 2.35 -9.64
C ALA D 251 -36.60 1.89 -11.06
N ASN D 252 -35.71 2.23 -12.00
CA ASN D 252 -35.89 1.81 -13.38
C ASN D 252 -35.84 0.29 -13.51
N TYR D 253 -34.90 -0.36 -12.83
CA TYR D 253 -34.80 -1.80 -12.88
C TYR D 253 -35.93 -2.51 -12.16
N ALA D 254 -36.70 -1.80 -11.35
CA ALA D 254 -37.85 -2.36 -10.65
C ALA D 254 -39.16 -2.14 -11.40
N LYS D 255 -39.10 -1.60 -12.62
CA LYS D 255 -40.28 -1.35 -13.44
C LYS D 255 -41.26 -0.41 -12.75
N PHE D 256 -40.73 0.62 -12.10
CA PHE D 256 -41.53 1.69 -11.49
C PHE D 256 -41.33 2.94 -12.33
N GLN D 257 -42.25 3.18 -13.27
CA GLN D 257 -42.08 4.26 -14.23
C GLN D 257 -42.15 5.62 -13.55
N LYS D 258 -43.20 5.86 -12.76
CA LYS D 258 -43.41 7.18 -12.17
C LYS D 258 -42.31 7.54 -11.19
N MET D 259 -41.95 6.60 -10.30
CA MET D 259 -40.90 6.86 -9.34
C MET D 259 -39.57 7.11 -10.02
N CYS D 260 -39.24 6.31 -11.04
CA CYS D 260 -37.99 6.51 -11.76
C CYS D 260 -37.96 7.87 -12.46
N ASP D 261 -39.09 8.26 -13.07
CA ASP D 261 -39.14 9.56 -13.74
C ASP D 261 -38.95 10.71 -12.76
N LEU D 262 -39.63 10.65 -11.60
CA LEU D 262 -39.47 11.71 -10.62
C LEU D 262 -38.04 11.76 -10.08
N LEU D 263 -37.47 10.60 -9.77
CA LEU D 263 -36.11 10.56 -9.26
C LEU D 263 -35.12 11.09 -10.28
N PHE D 264 -35.31 10.76 -11.56
CA PHE D 264 -34.37 11.24 -12.57
C PHE D 264 -34.54 12.72 -12.83
N VAL D 265 -35.76 13.25 -12.76
CA VAL D 265 -35.93 14.70 -12.90
C VAL D 265 -35.21 15.42 -11.76
N MET D 266 -35.39 14.93 -10.53
CA MET D 266 -34.70 15.55 -9.40
C MET D 266 -33.19 15.42 -9.54
N PHE D 267 -32.70 14.27 -9.99
CA PHE D 267 -31.27 14.09 -10.18
C PHE D 267 -30.73 15.05 -11.25
N ALA D 268 -31.47 15.23 -12.34
CA ALA D 268 -31.02 16.15 -13.38
C ALA D 268 -30.96 17.57 -12.86
N VAL D 269 -31.96 17.98 -12.07
CA VAL D 269 -31.95 19.32 -11.49
C VAL D 269 -30.73 19.50 -10.60
N VAL D 270 -30.48 18.53 -9.71
CA VAL D 270 -29.34 18.63 -8.79
C VAL D 270 -28.03 18.63 -9.56
N PHE D 271 -27.92 17.77 -10.57
CA PHE D 271 -26.69 17.66 -11.36
C PHE D 271 -26.37 18.97 -12.06
N ILE D 272 -27.36 19.55 -12.76
CA ILE D 272 -27.16 20.81 -13.44
C ILE D 272 -26.78 21.90 -12.45
N THR D 273 -27.54 21.98 -11.35
CA THR D 273 -27.31 23.05 -10.38
C THR D 273 -25.92 22.98 -9.77
N THR D 274 -25.47 21.78 -9.40
CA THR D 274 -24.24 21.63 -8.66
C THR D 274 -23.01 21.41 -9.53
N ARG D 275 -23.17 21.21 -10.85
CA ARG D 275 -22.00 21.04 -11.70
C ARG D 275 -21.93 22.04 -12.85
N LEU D 276 -22.91 22.92 -13.00
CA LEU D 276 -22.83 24.00 -13.98
C LEU D 276 -23.06 25.38 -13.39
N GLY D 277 -23.69 25.51 -12.24
CA GLY D 277 -23.94 26.80 -11.65
C GLY D 277 -23.13 27.07 -10.40
N ILE D 278 -22.89 26.04 -9.60
CA ILE D 278 -22.16 26.20 -8.36
C ILE D 278 -20.67 25.90 -8.55
N PHE D 279 -20.33 24.87 -9.31
CA PHE D 279 -18.92 24.53 -9.50
C PHE D 279 -18.11 25.66 -10.12
N PRO D 280 -18.49 26.25 -11.25
CA PRO D 280 -17.63 27.29 -11.84
C PRO D 280 -17.66 28.62 -11.11
N LEU D 281 -18.67 28.89 -10.29
CA LEU D 281 -18.76 30.14 -9.57
C LEU D 281 -18.23 30.05 -8.14
N TRP D 282 -18.01 28.84 -7.63
CA TRP D 282 -17.57 28.64 -6.26
C TRP D 282 -16.24 27.91 -6.17
N VAL D 283 -16.06 26.83 -6.92
CA VAL D 283 -14.80 26.09 -6.87
C VAL D 283 -13.80 26.68 -7.86
N LEU D 284 -14.23 26.93 -9.10
CA LEU D 284 -13.32 27.53 -10.07
C LEU D 284 -13.00 28.98 -9.74
N ASN D 285 -13.78 29.62 -8.88
CA ASN D 285 -13.43 30.96 -8.43
C ASN D 285 -12.24 30.95 -7.49
N THR D 286 -12.24 30.02 -6.51
CA THR D 286 -11.19 30.02 -5.51
C THR D 286 -9.88 29.42 -6.03
N THR D 287 -9.95 28.52 -7.01
CA THR D 287 -8.76 27.89 -7.54
C THR D 287 -8.12 28.68 -8.67
N LEU D 288 -8.76 29.74 -9.15
CA LEU D 288 -8.24 30.58 -10.22
C LEU D 288 -7.85 31.97 -9.76
N PHE D 289 -8.74 32.65 -9.03
CA PHE D 289 -8.55 34.05 -8.66
C PHE D 289 -8.00 34.22 -7.26
N GLU D 290 -8.63 33.61 -6.25
CA GLU D 290 -8.14 33.75 -4.88
C GLU D 290 -6.77 33.09 -4.73
N SER D 291 -6.57 31.93 -5.34
CA SER D 291 -5.27 31.27 -5.27
C SER D 291 -4.19 32.11 -5.92
N TRP D 292 -4.53 32.80 -7.01
CA TRP D 292 -3.55 33.66 -7.68
C TRP D 292 -3.11 34.81 -6.80
N GLU D 293 -4.06 35.44 -6.09
CA GLU D 293 -3.75 36.64 -5.33
C GLU D 293 -3.23 36.35 -3.93
N ILE D 294 -3.45 35.14 -3.41
CA ILE D 294 -3.01 34.78 -2.06
C ILE D 294 -1.70 34.01 -2.11
N VAL D 295 -1.62 32.97 -2.95
CA VAL D 295 -0.42 32.14 -3.01
C VAL D 295 0.53 32.68 -4.06
N GLY D 296 0.06 32.75 -5.31
CA GLY D 296 0.88 33.24 -6.40
C GLY D 296 0.96 32.25 -7.54
N PRO D 297 1.58 32.66 -8.64
CA PRO D 297 1.70 31.75 -9.79
C PRO D 297 2.87 30.77 -9.66
N TYR D 298 2.57 29.49 -9.59
CA TYR D 298 3.55 28.43 -9.61
C TYR D 298 3.14 27.35 -10.61
N PRO D 299 4.09 26.56 -11.12
CA PRO D 299 3.77 25.68 -12.26
C PRO D 299 2.64 24.69 -12.01
N SER D 300 2.51 24.15 -10.79
CA SER D 300 1.45 23.19 -10.53
C SER D 300 0.07 23.80 -10.62
N TRP D 301 -0.03 25.12 -10.45
CA TRP D 301 -1.31 25.82 -10.57
C TRP D 301 -1.92 25.63 -11.95
N TRP D 302 -1.10 25.75 -12.99
CA TRP D 302 -1.59 25.57 -14.35
C TRP D 302 -2.10 24.16 -14.57
N VAL D 303 -1.35 23.16 -14.10
CA VAL D 303 -1.74 21.77 -14.30
C VAL D 303 -3.07 21.49 -13.62
N PHE D 304 -3.20 21.91 -12.35
CA PHE D 304 -4.42 21.62 -11.62
C PHE D 304 -5.62 22.36 -12.22
N ASN D 305 -5.42 23.60 -12.67
CA ASN D 305 -6.54 24.33 -13.26
C ASN D 305 -6.94 23.76 -14.61
N LEU D 306 -5.97 23.28 -15.41
CA LEU D 306 -6.32 22.62 -16.65
C LEU D 306 -7.11 21.34 -16.39
N LEU D 307 -6.72 20.57 -15.38
CA LEU D 307 -7.48 19.37 -15.04
C LEU D 307 -8.89 19.72 -14.56
N LEU D 308 -9.03 20.80 -13.79
CA LEU D 308 -10.36 21.22 -13.37
C LEU D 308 -11.22 21.65 -14.55
N LEU D 309 -10.61 22.33 -15.53
CA LEU D 309 -11.36 22.69 -16.73
C LEU D 309 -11.77 21.46 -17.54
N LEU D 310 -10.90 20.44 -17.58
CA LEU D 310 -11.28 19.18 -18.23
C LEU D 310 -12.45 18.53 -17.51
N VAL D 311 -12.44 18.54 -16.18
CA VAL D 311 -13.56 18.02 -15.41
C VAL D 311 -14.83 18.80 -15.72
N GLN D 312 -14.72 20.11 -15.85
CA GLN D 312 -15.87 20.93 -16.20
C GLN D 312 -16.43 20.54 -17.56
N GLY D 313 -15.55 20.33 -18.54
CA GLY D 313 -16.01 19.91 -19.86
C GLY D 313 -16.70 18.56 -19.85
N LEU D 314 -16.13 17.60 -19.11
CA LEU D 314 -16.76 16.29 -19.01
C LEU D 314 -18.13 16.39 -18.34
N ASN D 315 -18.24 17.22 -17.30
CA ASN D 315 -19.53 17.42 -16.65
C ASN D 315 -20.52 18.09 -17.59
N CYS D 316 -20.06 19.00 -18.46
CA CYS D 316 -20.95 19.58 -19.46
C CYS D 316 -21.48 18.52 -20.42
N PHE D 317 -20.61 17.61 -20.87
CA PHE D 317 -21.05 16.53 -21.75
C PHE D 317 -22.07 15.63 -21.06
N TRP D 318 -21.78 15.23 -19.82
CA TRP D 318 -22.71 14.39 -19.08
C TRP D 318 -24.04 15.09 -18.87
N SER D 319 -24.01 16.38 -18.54
CA SER D 319 -25.23 17.13 -18.33
C SER D 319 -26.05 17.25 -19.62
N TYR D 320 -25.37 17.40 -20.75
CA TYR D 320 -26.07 17.43 -22.03
C TYR D 320 -26.81 16.12 -22.26
N LEU D 321 -26.12 14.99 -22.07
CA LEU D 321 -26.80 13.70 -22.24
C LEU D 321 -27.95 13.54 -21.25
N ILE D 322 -27.74 13.98 -20.00
CA ILE D 322 -28.75 13.82 -18.96
C ILE D 322 -30.01 14.62 -19.31
N VAL D 323 -29.84 15.86 -19.75
CA VAL D 323 -31.01 16.68 -20.07
C VAL D 323 -31.70 16.16 -21.33
N LYS D 324 -30.93 15.68 -22.31
CA LYS D 324 -31.56 15.10 -23.50
C LYS D 324 -32.41 13.91 -23.13
N ILE D 325 -31.95 13.07 -22.20
CA ILE D 325 -32.75 11.94 -21.75
C ILE D 325 -33.95 12.42 -20.92
N ALA D 326 -33.73 13.41 -20.06
CA ALA D 326 -34.79 13.86 -19.14
C ALA D 326 -35.92 14.58 -19.86
N CYS D 327 -35.66 15.15 -21.05
CA CYS D 327 -36.74 15.75 -21.82
C CYS D 327 -37.80 14.72 -22.17
N LYS D 328 -37.37 13.51 -22.54
CA LYS D 328 -38.32 12.43 -22.82
C LYS D 328 -39.13 12.08 -21.57
N ALA D 329 -38.48 12.02 -20.41
CA ALA D 329 -39.20 11.73 -19.17
C ALA D 329 -40.22 12.81 -18.85
N VAL D 330 -39.85 14.08 -19.06
CA VAL D 330 -40.78 15.17 -18.82
C VAL D 330 -41.97 15.08 -19.76
N SER D 331 -41.71 14.77 -21.03
CA SER D 331 -42.80 14.62 -22.00
C SER D 331 -43.72 13.48 -21.62
N ARG D 332 -43.15 12.35 -21.19
CA ARG D 332 -43.96 11.21 -20.80
C ARG D 332 -44.78 11.50 -19.55
N GLY D 333 -44.23 12.29 -18.62
CA GLY D 333 -44.93 12.59 -17.39
C GLY D 333 -46.15 13.47 -17.58
N LYS D 334 -46.20 14.23 -18.67
CA LYS D 334 -47.33 15.10 -18.95
C LYS D 334 -48.50 14.30 -19.52
#